data_2EZ9
#
_entry.id   2EZ9
#
_cell.length_a   118.661
_cell.length_b   154.517
_cell.length_c   165.640
_cell.angle_alpha   90.00
_cell.angle_beta   90.00
_cell.angle_gamma   90.00
#
_symmetry.space_group_name_H-M   'C 2 2 21'
#
loop_
_entity.id
_entity.type
_entity.pdbx_description
1 polymer 'Pyruvate oxidase'
2 non-polymer 'MAGNESIUM ION'
3 non-polymer 'SODIUM ION'
4 non-polymer 3-[(4-AMINO-2-METHYLPYRIMIDIN-5-YL)METHYL]-2-{(1S)-1-HYDROXY-1-[(R)-HYDROXY(METHOXY)PHOSPHORYL]ETHYL}-5-(2-{[(S)-HYDROXY(PHOSPHONOOXY)PHOSPHORYL]OXY}ETHYL)-4-METHYL-1,3-THIAZOL-3-IUM
5 non-polymer 'FLAVIN-ADENINE DINUCLEOTIDE'
6 water water
#
_entity_poly.entity_id   1
_entity_poly.type   'polypeptide(L)'
_entity_poly.pdbx_seq_one_letter_code
;MVMKQTKQTNILAGAAVIKVLEAWGVDHLYGIPGGSINSIMDALSAERDRIHYIQVRHEEVGAMAAAADAKLTGKIGVCF
GSAGPGGTHLMNGLYDAREDHVPVLALIGQFGTTGMNMDTFQEMNENPIYADVADYNVTAVNAATLPHVIDEAIRRAYAH
QGVAVVQIPVDLPWQQIPAEDWYASANSYQTPLLPEPDVQAVTRLTQTLLAAERPLIYYGIGARKAGKELEQLSKTLKIP
LMSTYPAKGIVADRYPAYLGSANRVAQKPANEALAQADVVLFVGNNYPFAEVSKAFKNTRYFLQIDIDPAKLGKRHKTDI
AVLADAQKTLAAILAQVSERESTPWWQANLANVKNWRAYLASLEDKQEGPLQAYQVLRAVNKIAEPDAIYSIDVGDINLN
ANRHLKLTPSNRHITSNLFATMGVGIPGAIAAKLNYPERQVFNLAGDGGASMTMQDLATQVQYHLPVINVVFTNCQYGWI
KDEQEDTNQNDFIGVEFNDIDFSKIADGVHMQAFRVNKIEQLPDVFEQAKAIAQHEPVLIDAVITGDRPLPAEKLRLDSA
MSSAADIEAFKQRYEAQDLQPLSTYLKQFGLDDLQHQIGQGGF
;
_entity_poly.pdbx_strand_id   A,B
#
loop_
_chem_comp.id
_chem_comp.type
_chem_comp.name
_chem_comp.formula
FAD non-polymer 'FLAVIN-ADENINE DINUCLEOTIDE' 'C27 H33 N9 O15 P2'
MG non-polymer 'MAGNESIUM ION' 'Mg 2'
NA non-polymer 'SODIUM ION' 'Na 1'
TDK non-polymer 3-[(4-AMINO-2-METHYLPYRIMIDIN-5-YL)METHYL]-2-{(1S)-1-HYDROXY-1-[(R)-HYDROXY(METHOXY)PHOSPHORYL]ETHYL}-5-(2-{[(S)-HYDROXY(PHOSPHONOOXY)PHOSPHORYL]OXY}ETHYL)-4-METHYL-1,3-THIAZOL-3-IUM 'C15 H26 N4 O11 P3 S 1'
#
# COMPACT_ATOMS: atom_id res chain seq x y z
N THR A 9 -17.36 6.21 34.62
CA THR A 9 -16.05 5.56 34.88
C THR A 9 -15.73 4.48 33.81
N ASN A 10 -16.76 3.71 33.43
CA ASN A 10 -16.61 2.69 32.38
C ASN A 10 -17.55 2.90 31.20
N ILE A 11 -17.22 2.24 30.08
CA ILE A 11 -18.07 2.22 28.91
C ILE A 11 -18.02 0.79 28.35
N LEU A 12 -19.13 0.33 27.77
CA LEU A 12 -19.10 -0.96 27.07
C LEU A 12 -18.21 -0.82 25.84
N ALA A 13 -17.37 -1.82 25.59
CA ALA A 13 -16.43 -1.74 24.45
C ALA A 13 -17.17 -1.57 23.12
N GLY A 14 -18.36 -2.15 23.02
CA GLY A 14 -19.21 -1.98 21.82
C GLY A 14 -19.68 -0.54 21.64
N ALA A 15 -20.04 0.10 22.75
CA ALA A 15 -20.41 1.52 22.71
C ALA A 15 -19.25 2.38 22.21
N ALA A 16 -18.05 2.09 22.69
CA ALA A 16 -16.86 2.84 22.25
C ALA A 16 -16.57 2.62 20.76
N VAL A 17 -16.74 1.38 20.31
CA VAL A 17 -16.59 1.08 18.87
C VAL A 17 -17.53 1.93 18.02
N ILE A 18 -18.80 2.02 18.42
CA ILE A 18 -19.76 2.81 17.65
C ILE A 18 -19.40 4.30 17.71
N LYS A 19 -18.87 4.74 18.86
CA LYS A 19 -18.39 6.13 18.95
C LYS A 19 -17.18 6.41 18.05
N VAL A 20 -16.33 5.39 17.83
CA VAL A 20 -15.23 5.51 16.86
C VAL A 20 -15.80 5.75 15.46
N LEU A 21 -16.78 4.93 15.05
CA LEU A 21 -17.45 5.13 13.75
C LEU A 21 -18.05 6.53 13.61
N GLU A 22 -18.71 7.00 14.67
CA GLU A 22 -19.32 8.33 14.66
C GLU A 22 -18.27 9.43 14.50
N ALA A 23 -17.14 9.28 15.20
CA ALA A 23 -16.04 10.25 15.10
C ALA A 23 -15.50 10.35 13.68
N TRP A 24 -15.46 9.21 12.98
CA TRP A 24 -15.03 9.17 11.60
C TRP A 24 -16.14 9.58 10.61
N GLY A 25 -17.30 9.99 11.14
CA GLY A 25 -18.34 10.54 10.29
C GLY A 25 -19.17 9.54 9.51
N VAL A 26 -19.16 8.28 9.96
CA VAL A 26 -20.01 7.26 9.34
C VAL A 26 -21.49 7.57 9.63
N ASP A 27 -22.25 7.82 8.57
CA ASP A 27 -23.67 8.11 8.69
C ASP A 27 -24.53 6.85 8.69
N HIS A 28 -24.18 5.90 7.83
CA HIS A 28 -24.97 4.67 7.72
C HIS A 28 -24.09 3.46 7.45
N LEU A 29 -24.58 2.29 7.83
CA LEU A 29 -23.85 1.04 7.61
C LEU A 29 -24.85 -0.09 7.37
N TYR A 30 -24.37 -1.18 6.76
CA TYR A 30 -25.27 -2.24 6.28
C TYR A 30 -24.93 -3.58 6.86
N GLY A 31 -25.96 -4.40 7.07
CA GLY A 31 -25.74 -5.80 7.41
C GLY A 31 -27.00 -6.52 7.83
N ILE A 32 -26.81 -7.74 8.32
CA ILE A 32 -27.89 -8.61 8.81
C ILE A 32 -27.40 -9.15 10.14
N PRO A 33 -28.25 -9.09 11.19
CA PRO A 33 -27.79 -9.51 12.52
C PRO A 33 -27.67 -11.03 12.65
N GLY A 34 -27.01 -11.44 13.73
CA GLY A 34 -26.96 -12.85 14.10
C GLY A 34 -26.42 -12.94 15.50
N GLY A 35 -26.55 -14.10 16.12
CA GLY A 35 -26.05 -14.30 17.49
C GLY A 35 -24.61 -13.85 17.69
N SER A 36 -23.77 -14.16 16.70
CA SER A 36 -22.35 -13.87 16.74
C SER A 36 -21.99 -12.38 16.59
N ILE A 37 -22.98 -11.55 16.29
CA ILE A 37 -22.73 -10.11 16.19
C ILE A 37 -23.79 -9.30 16.97
N ASN A 38 -24.51 -9.97 17.87
CA ASN A 38 -25.59 -9.30 18.58
C ASN A 38 -25.11 -8.26 19.58
N SER A 39 -23.85 -8.32 20.00
CA SER A 39 -23.34 -7.30 20.93
C SER A 39 -23.01 -5.97 20.21
N ILE A 40 -22.54 -6.06 18.97
CA ILE A 40 -22.43 -4.87 18.13
C ILE A 40 -23.82 -4.32 17.81
N MET A 41 -24.77 -5.21 17.50
CA MET A 41 -26.17 -4.81 17.28
C MET A 41 -26.72 -4.04 18.50
N ASP A 42 -26.41 -4.53 19.69
CA ASP A 42 -26.90 -3.90 20.93
C ASP A 42 -26.37 -2.47 21.04
N ALA A 43 -25.10 -2.27 20.69
CA ALA A 43 -24.48 -0.95 20.73
C ALA A 43 -25.08 -0.03 19.66
N LEU A 44 -25.32 -0.58 18.46
CA LEU A 44 -25.99 0.17 17.41
C LEU A 44 -27.39 0.62 17.84
N SER A 45 -28.11 -0.28 18.51
CA SER A 45 -29.46 -0.01 18.96
C SER A 45 -29.51 1.23 19.86
N ALA A 46 -28.54 1.34 20.77
CA ALA A 46 -28.45 2.50 21.68
C ALA A 46 -28.10 3.79 20.95
N GLU A 47 -27.50 3.66 19.77
CA GLU A 47 -26.96 4.81 19.05
C GLU A 47 -27.76 5.18 17.81
N ARG A 48 -29.00 4.69 17.75
CA ARG A 48 -29.79 4.85 16.50
C ARG A 48 -30.14 6.30 16.13
N ASP A 49 -30.02 7.24 17.08
CA ASP A 49 -30.23 8.66 16.78
C ASP A 49 -29.03 9.31 16.08
N ARG A 50 -27.87 8.67 16.15
CA ARG A 50 -26.62 9.26 15.67
C ARG A 50 -25.94 8.52 14.51
N ILE A 51 -26.20 7.22 14.39
CA ILE A 51 -25.64 6.41 13.30
C ILE A 51 -26.75 5.47 12.81
N HIS A 52 -26.81 5.24 11.51
CA HIS A 52 -28.01 4.64 10.93
C HIS A 52 -27.79 3.31 10.29
N TYR A 53 -28.36 2.29 10.92
CA TYR A 53 -28.21 0.93 10.46
C TYR A 53 -29.24 0.61 9.38
N ILE A 54 -28.76 0.08 8.25
CA ILE A 54 -29.60 -0.30 7.12
C ILE A 54 -29.60 -1.82 7.04
N GLN A 55 -30.74 -2.43 7.33
CA GLN A 55 -30.86 -3.88 7.28
C GLN A 55 -31.16 -4.31 5.85
N VAL A 56 -30.20 -5.02 5.25
CA VAL A 56 -30.34 -5.56 3.89
C VAL A 56 -30.92 -6.99 3.93
N ARG A 57 -31.27 -7.52 2.76
CA ARG A 57 -31.86 -8.87 2.71
C ARG A 57 -30.84 -9.95 2.32
N HIS A 58 -29.65 -9.52 1.89
CA HIS A 58 -28.54 -10.42 1.59
C HIS A 58 -27.27 -9.62 1.85
N GLU A 59 -26.32 -10.20 2.59
CA GLU A 59 -25.13 -9.43 2.98
C GLU A 59 -24.27 -8.96 1.82
N GLU A 60 -24.34 -9.62 0.66
CA GLU A 60 -23.53 -9.13 -0.47
C GLU A 60 -23.99 -7.73 -0.90
N VAL A 61 -25.29 -7.46 -0.75
CA VAL A 61 -25.86 -6.14 -1.06
C VAL A 61 -25.33 -5.09 -0.08
N GLY A 62 -25.19 -5.48 1.19
CA GLY A 62 -24.57 -4.61 2.18
C GLY A 62 -23.13 -4.24 1.82
N ALA A 63 -22.33 -5.24 1.44
CA ALA A 63 -20.93 -5.01 1.05
C ALA A 63 -20.84 -4.17 -0.21
N MET A 64 -21.67 -4.49 -1.21
CA MET A 64 -21.69 -3.71 -2.44
C MET A 64 -22.14 -2.26 -2.22
N ALA A 65 -23.12 -2.07 -1.33
CA ALA A 65 -23.56 -0.71 -1.01
C ALA A 65 -22.49 0.07 -0.26
N ALA A 66 -21.75 -0.60 0.63
CA ALA A 66 -20.63 0.02 1.33
C ALA A 66 -19.56 0.49 0.34
N ALA A 67 -19.24 -0.38 -0.62
CA ALA A 67 -18.31 -0.03 -1.69
C ALA A 67 -18.80 1.18 -2.47
N ALA A 68 -20.08 1.17 -2.86
CA ALA A 68 -20.69 2.27 -3.60
C ALA A 68 -20.70 3.59 -2.83
N ASP A 69 -21.00 3.54 -1.52
CA ASP A 69 -20.84 4.70 -0.65
C ASP A 69 -19.48 5.37 -0.87
N ALA A 70 -18.41 4.58 -0.79
CA ALA A 70 -17.05 5.11 -0.91
C ALA A 70 -16.76 5.62 -2.32
N LYS A 71 -17.28 4.91 -3.33
CA LYS A 71 -17.15 5.34 -4.73
C LYS A 71 -17.78 6.71 -4.94
N LEU A 72 -18.93 6.92 -4.31
CA LEU A 72 -19.69 8.15 -4.50
C LEU A 72 -19.16 9.34 -3.71
N THR A 73 -18.89 9.13 -2.41
CA THR A 73 -18.60 10.25 -1.51
C THR A 73 -17.13 10.35 -1.10
N GLY A 74 -16.37 9.27 -1.29
CA GLY A 74 -14.99 9.20 -0.83
C GLY A 74 -14.84 8.88 0.65
N LYS A 75 -15.98 8.76 1.36
CA LYS A 75 -16.02 8.39 2.78
C LYS A 75 -16.07 6.87 2.89
N ILE A 76 -15.36 6.34 3.87
CA ILE A 76 -15.31 4.89 4.08
C ILE A 76 -16.70 4.27 4.18
N GLY A 77 -16.94 3.19 3.44
CA GLY A 77 -18.19 2.45 3.57
C GLY A 77 -18.06 1.41 4.67
N VAL A 78 -19.17 1.11 5.34
CA VAL A 78 -19.14 0.16 6.45
C VAL A 78 -20.21 -0.92 6.29
N CYS A 79 -19.80 -2.18 6.37
CA CYS A 79 -20.74 -3.29 6.35
C CYS A 79 -20.34 -4.34 7.38
N PHE A 80 -21.23 -5.30 7.61
CA PHE A 80 -20.94 -6.40 8.52
C PHE A 80 -21.72 -7.64 8.14
N GLY A 81 -21.20 -8.77 8.60
CA GLY A 81 -21.87 -10.05 8.43
C GLY A 81 -21.63 -10.88 9.67
N SER A 82 -22.60 -11.71 10.01
CA SER A 82 -22.46 -12.63 11.14
C SER A 82 -21.43 -13.73 10.82
N ALA A 83 -21.02 -14.45 11.87
CA ALA A 83 -20.01 -15.49 11.73
C ALA A 83 -20.35 -16.48 10.65
N GLY A 84 -19.33 -16.96 9.94
CA GLY A 84 -19.52 -17.98 8.93
C GLY A 84 -20.20 -17.40 7.70
N PRO A 85 -21.42 -17.86 7.39
CA PRO A 85 -22.12 -17.48 6.17
C PRO A 85 -22.51 -16.00 6.01
N GLY A 86 -22.69 -15.26 7.10
CA GLY A 86 -22.96 -13.82 6.99
C GLY A 86 -21.78 -13.12 6.35
N GLY A 87 -20.59 -13.42 6.87
CA GLY A 87 -19.36 -12.81 6.39
C GLY A 87 -18.99 -13.27 4.98
N THR A 88 -19.14 -14.56 4.69
CA THR A 88 -18.69 -15.04 3.36
C THR A 88 -19.59 -14.47 2.26
N HIS A 89 -20.84 -14.16 2.61
CA HIS A 89 -21.75 -13.47 1.69
C HIS A 89 -21.26 -12.07 1.29
N LEU A 90 -20.37 -11.47 2.10
CA LEU A 90 -19.85 -10.12 1.80
C LEU A 90 -18.91 -10.11 0.62
N MET A 91 -18.40 -11.29 0.25
CA MET A 91 -17.23 -11.36 -0.62
C MET A 91 -17.33 -10.58 -1.92
N ASN A 92 -18.44 -10.68 -2.65
CA ASN A 92 -18.46 -9.97 -3.95
C ASN A 92 -18.35 -8.47 -3.82
N GLY A 93 -18.90 -7.93 -2.75
CA GLY A 93 -18.75 -6.50 -2.48
C GLY A 93 -17.36 -6.12 -1.99
N LEU A 94 -16.76 -6.97 -1.16
CA LEU A 94 -15.39 -6.71 -0.69
C LEU A 94 -14.37 -6.75 -1.83
N TYR A 95 -14.50 -7.74 -2.73
CA TYR A 95 -13.62 -7.79 -3.90
C TYR A 95 -13.83 -6.60 -4.83
N ASP A 96 -15.08 -6.15 -4.94
CA ASP A 96 -15.39 -4.93 -5.69
C ASP A 96 -14.64 -3.74 -5.09
N ALA A 97 -14.68 -3.62 -3.76
CA ALA A 97 -13.98 -2.52 -3.07
C ALA A 97 -12.47 -2.63 -3.29
N ARG A 98 -11.93 -3.84 -3.21
CA ARG A 98 -10.48 -4.00 -3.43
C ARG A 98 -10.10 -3.56 -4.84
N GLU A 99 -10.81 -4.11 -5.83
CA GLU A 99 -10.43 -3.90 -7.22
C GLU A 99 -10.70 -2.45 -7.69
N ASP A 100 -11.76 -1.85 -7.14
CA ASP A 100 -12.06 -0.44 -7.43
C ASP A 100 -11.39 0.52 -6.45
N HIS A 101 -10.54 -0.05 -5.60
CA HIS A 101 -9.66 0.70 -4.67
C HIS A 101 -10.39 1.81 -3.93
N VAL A 102 -11.48 1.41 -3.26
CA VAL A 102 -12.21 2.31 -2.37
C VAL A 102 -12.18 1.79 -0.93
N PRO A 103 -12.13 2.70 0.06
CA PRO A 103 -12.06 2.29 1.47
C PRO A 103 -13.37 1.69 1.98
N VAL A 104 -13.28 0.47 2.52
CA VAL A 104 -14.43 -0.20 3.16
C VAL A 104 -13.96 -0.89 4.44
N LEU A 105 -14.73 -0.73 5.51
CA LEU A 105 -14.57 -1.49 6.76
C LEU A 105 -15.64 -2.56 6.81
N ALA A 106 -15.22 -3.82 7.02
CA ALA A 106 -16.14 -4.95 7.19
C ALA A 106 -15.93 -5.55 8.57
N LEU A 107 -17.01 -5.64 9.35
CA LEU A 107 -16.95 -6.31 10.65
C LEU A 107 -17.56 -7.69 10.50
N ILE A 108 -16.85 -8.69 11.00
CA ILE A 108 -17.31 -10.08 10.90
C ILE A 108 -17.60 -10.62 12.29
N GLY A 109 -18.79 -11.16 12.50
CA GLY A 109 -19.12 -11.80 13.77
C GLY A 109 -18.22 -13.00 14.01
N GLN A 110 -17.98 -13.29 15.29
CA GLN A 110 -17.29 -14.50 15.70
C GLN A 110 -17.86 -14.89 17.06
N PHE A 111 -17.84 -16.18 17.36
CA PHE A 111 -18.31 -16.59 18.66
C PHE A 111 -17.33 -16.18 19.77
N GLY A 112 -17.81 -16.22 21.00
CA GLY A 112 -17.05 -15.69 22.12
C GLY A 112 -15.70 -16.35 22.32
N THR A 113 -14.77 -15.64 22.95
CA THR A 113 -13.42 -16.16 23.17
C THR A 113 -13.42 -17.45 23.97
N THR A 114 -14.46 -17.69 24.78
CA THR A 114 -14.55 -18.95 25.54
C THR A 114 -14.91 -20.15 24.67
N GLY A 115 -15.48 -19.91 23.49
CA GLY A 115 -15.91 -20.98 22.58
C GLY A 115 -15.11 -21.10 21.29
N MET A 116 -14.28 -20.09 21.00
CA MET A 116 -13.40 -20.17 19.85
C MET A 116 -12.45 -21.37 19.94
N ASN A 117 -12.21 -22.01 18.78
CA ASN A 117 -11.36 -23.20 18.68
C ASN A 117 -11.91 -24.43 19.39
N MET A 118 -13.18 -24.41 19.75
CA MET A 118 -13.82 -25.60 20.34
C MET A 118 -14.58 -26.41 19.29
N ASP A 119 -14.61 -25.90 18.06
CA ASP A 119 -15.37 -26.51 16.97
C ASP A 119 -16.83 -26.56 17.40
N THR A 120 -17.36 -25.40 17.77
CA THR A 120 -18.75 -25.30 18.12
C THR A 120 -19.56 -24.85 16.90
N PHE A 121 -20.85 -24.62 17.09
CA PHE A 121 -21.76 -24.30 15.99
C PHE A 121 -21.30 -23.06 15.23
N GLN A 122 -21.21 -23.21 13.90
CA GLN A 122 -20.86 -22.11 12.99
C GLN A 122 -19.56 -21.43 13.41
N GLU A 123 -18.71 -22.18 14.08
CA GLU A 123 -17.45 -21.63 14.60
C GLU A 123 -16.26 -22.24 13.88
N MET A 124 -15.42 -21.34 13.35
CA MET A 124 -14.27 -21.73 12.56
C MET A 124 -13.22 -20.62 12.69
N ASN A 125 -12.00 -20.92 12.24
CA ASN A 125 -10.98 -19.89 12.16
C ASN A 125 -11.32 -19.01 10.96
N GLU A 126 -11.81 -17.81 11.25
CA GLU A 126 -12.32 -16.91 10.22
C GLU A 126 -11.25 -16.04 9.56
N ASN A 127 -10.11 -15.91 10.22
CA ASN A 127 -9.05 -15.01 9.70
C ASN A 127 -8.57 -15.38 8.27
N PRO A 128 -8.33 -16.67 7.99
CA PRO A 128 -7.87 -17.02 6.63
C PRO A 128 -8.87 -16.73 5.51
N ILE A 129 -10.15 -16.60 5.85
CA ILE A 129 -11.22 -16.34 4.87
C ILE A 129 -10.99 -15.00 4.14
N TYR A 130 -10.47 -14.01 4.88
CA TYR A 130 -10.38 -12.61 4.43
C TYR A 130 -8.96 -12.17 4.09
N ALA A 131 -8.00 -13.09 4.19
CA ALA A 131 -6.60 -12.72 4.00
C ALA A 131 -6.31 -12.16 2.62
N ASP A 132 -6.94 -12.74 1.60
CA ASP A 132 -6.67 -12.31 0.22
C ASP A 132 -7.29 -10.95 -0.11
N VAL A 133 -8.51 -10.70 0.36
CA VAL A 133 -9.25 -9.52 -0.08
C VAL A 133 -8.80 -8.26 0.65
N ALA A 134 -8.30 -8.45 1.86
CA ALA A 134 -8.13 -7.35 2.82
C ALA A 134 -6.72 -6.77 2.85
N ASP A 135 -6.66 -5.44 2.94
CA ASP A 135 -5.41 -4.74 3.25
C ASP A 135 -5.04 -4.94 4.72
N TYR A 136 -6.05 -5.07 5.59
CA TYR A 136 -5.86 -5.23 7.02
C TYR A 136 -6.88 -6.27 7.44
N ASN A 137 -6.45 -7.29 8.17
CA ASN A 137 -7.28 -8.45 8.45
C ASN A 137 -6.93 -9.08 9.79
N VAL A 138 -7.70 -8.74 10.84
CA VAL A 138 -7.32 -9.15 12.20
C VAL A 138 -8.52 -9.65 12.98
N THR A 139 -8.26 -10.61 13.88
CA THR A 139 -9.25 -11.04 14.85
C THR A 139 -8.94 -10.33 16.17
N ALA A 140 -9.90 -9.55 16.67
CA ALA A 140 -9.75 -8.87 17.96
C ALA A 140 -9.76 -9.90 19.11
N VAL A 141 -8.93 -9.68 20.13
CA VAL A 141 -8.81 -10.65 21.24
C VAL A 141 -8.88 -10.01 22.63
N ASN A 142 -9.18 -8.71 22.65
CA ASN A 142 -9.20 -7.92 23.89
C ASN A 142 -10.26 -6.82 23.74
N ALA A 143 -11.00 -6.54 24.81
CA ALA A 143 -12.02 -5.49 24.74
C ALA A 143 -11.44 -4.08 24.82
N ALA A 144 -10.47 -3.87 25.70
CA ALA A 144 -9.89 -2.54 25.90
C ALA A 144 -9.19 -1.98 24.66
N THR A 145 -8.62 -2.86 23.85
CA THR A 145 -7.96 -2.42 22.62
C THR A 145 -8.88 -2.42 21.40
N LEU A 146 -10.11 -2.88 21.56
CA LEU A 146 -11.04 -3.00 20.42
C LEU A 146 -11.31 -1.66 19.70
N PRO A 147 -11.58 -0.57 20.45
CA PRO A 147 -11.74 0.71 19.75
C PRO A 147 -10.53 1.08 18.90
N HIS A 148 -9.32 0.84 19.42
CA HIS A 148 -8.11 1.08 18.65
C HIS A 148 -8.01 0.23 17.40
N VAL A 149 -8.36 -1.05 17.52
CA VAL A 149 -8.33 -1.93 16.35
C VAL A 149 -9.28 -1.42 15.25
N ILE A 150 -10.47 -0.99 15.64
CA ILE A 150 -11.42 -0.42 14.66
C ILE A 150 -10.89 0.88 14.05
N ASP A 151 -10.35 1.76 14.89
CA ASP A 151 -9.72 3.00 14.46
C ASP A 151 -8.58 2.72 13.46
N GLU A 152 -7.73 1.75 13.79
CA GLU A 152 -6.61 1.35 12.94
C GLU A 152 -7.09 0.86 11.58
N ALA A 153 -8.13 0.03 11.62
CA ALA A 153 -8.75 -0.52 10.41
C ALA A 153 -9.25 0.58 9.49
N ILE A 154 -9.93 1.58 10.06
CA ILE A 154 -10.47 2.69 9.27
C ILE A 154 -9.33 3.52 8.67
N ARG A 155 -8.33 3.83 9.48
CA ARG A 155 -7.21 4.68 9.05
C ARG A 155 -6.40 4.01 7.92
N ARG A 156 -6.24 2.69 8.02
CA ARG A 156 -5.55 1.93 6.97
C ARG A 156 -6.38 1.79 5.71
N ALA A 157 -7.68 1.53 5.86
CA ALA A 157 -8.57 1.41 4.67
C ALA A 157 -8.53 2.70 3.85
N TYR A 158 -8.53 3.84 4.53
CA TYR A 158 -8.42 5.14 3.85
C TYR A 158 -7.06 5.32 3.19
N ALA A 159 -6.00 5.19 3.98
CA ALA A 159 -4.62 5.41 3.49
C ALA A 159 -4.24 4.50 2.34
N HIS A 160 -4.73 3.26 2.38
CA HIS A 160 -4.34 2.24 1.41
C HIS A 160 -5.43 2.00 0.36
N GLN A 161 -6.54 2.74 0.49
CA GLN A 161 -7.66 2.69 -0.46
C GLN A 161 -8.09 1.25 -0.74
N GLY A 162 -8.50 0.57 0.32
CA GLY A 162 -8.97 -0.81 0.17
C GLY A 162 -9.77 -1.27 1.39
N VAL A 163 -9.81 -2.58 1.57
CA VAL A 163 -10.67 -3.23 2.56
C VAL A 163 -9.94 -3.57 3.86
N ALA A 164 -10.54 -3.17 4.98
CA ALA A 164 -10.08 -3.57 6.31
C ALA A 164 -11.16 -4.45 6.91
N VAL A 165 -10.76 -5.63 7.37
CA VAL A 165 -11.67 -6.60 7.98
C VAL A 165 -11.27 -6.86 9.42
N VAL A 166 -12.25 -6.82 10.34
CA VAL A 166 -11.98 -7.14 11.75
C VAL A 166 -12.99 -8.19 12.17
N GLN A 167 -12.50 -9.35 12.61
CA GLN A 167 -13.38 -10.39 13.18
C GLN A 167 -13.53 -10.10 14.66
N ILE A 168 -14.77 -10.05 15.16
CA ILE A 168 -15.00 -9.64 16.54
C ILE A 168 -15.69 -10.73 17.36
N PRO A 169 -14.96 -11.39 18.27
CA PRO A 169 -15.63 -12.34 19.17
C PRO A 169 -16.71 -11.60 19.96
N VAL A 170 -17.88 -12.20 19.97
CA VAL A 170 -19.11 -11.57 20.44
C VAL A 170 -19.08 -11.14 21.91
N ASP A 171 -18.25 -11.79 22.73
CA ASP A 171 -18.17 -11.39 24.13
C ASP A 171 -17.54 -10.01 24.32
N LEU A 172 -16.59 -9.65 23.46
CA LEU A 172 -15.78 -8.44 23.71
C LEU A 172 -16.58 -7.15 23.77
N PRO A 173 -17.53 -6.91 22.82
CA PRO A 173 -18.29 -5.65 22.90
C PRO A 173 -19.22 -5.50 24.11
N TRP A 174 -19.50 -6.59 24.83
CA TRP A 174 -20.31 -6.49 26.07
C TRP A 174 -19.47 -6.31 27.32
N GLN A 175 -18.14 -6.25 27.16
CA GLN A 175 -17.24 -6.06 28.31
C GLN A 175 -17.05 -4.57 28.58
N GLN A 176 -17.04 -4.22 29.87
CA GLN A 176 -16.73 -2.84 30.29
C GLN A 176 -15.25 -2.53 30.13
N ILE A 177 -14.96 -1.33 29.63
CA ILE A 177 -13.59 -0.84 29.52
C ILE A 177 -13.55 0.57 30.11
N PRO A 178 -12.36 1.07 30.50
CA PRO A 178 -12.31 2.41 31.08
C PRO A 178 -12.81 3.47 30.10
N ALA A 179 -13.66 4.37 30.58
CA ALA A 179 -14.32 5.37 29.74
C ALA A 179 -13.35 6.38 29.13
N GLU A 180 -12.23 6.59 29.82
CA GLU A 180 -11.31 7.69 29.50
C GLU A 180 -10.12 7.33 28.60
N ASP A 181 -9.90 6.04 28.37
CA ASP A 181 -8.69 5.58 27.68
C ASP A 181 -8.79 5.57 26.14
N TRP A 182 -9.95 5.19 25.62
CA TRP A 182 -10.08 5.02 24.17
C TRP A 182 -10.13 6.36 23.44
N TYR A 183 -9.77 6.35 22.16
CA TYR A 183 -9.89 7.54 21.32
C TYR A 183 -10.01 7.15 19.85
N ALA A 184 -10.43 8.10 19.05
CA ALA A 184 -10.43 7.94 17.59
C ALA A 184 -9.42 8.93 17.03
N SER A 185 -8.74 8.53 15.95
CA SER A 185 -7.76 9.39 15.29
C SER A 185 -8.37 10.13 14.08
N ALA A 186 -9.70 10.13 13.99
CA ALA A 186 -10.41 10.83 12.90
C ALA A 186 -10.00 12.30 12.83
N ASN A 187 -9.84 12.93 13.98
CA ASN A 187 -9.42 14.34 14.04
C ASN A 187 -8.08 14.60 13.34
N SER A 188 -7.25 13.56 13.23
CA SER A 188 -5.91 13.70 12.64
C SER A 188 -5.87 13.29 11.17
N TYR A 189 -6.99 12.82 10.64
CA TYR A 189 -7.05 12.36 9.24
C TYR A 189 -6.61 13.43 8.23
N GLN A 190 -5.83 13.03 7.24
CA GLN A 190 -5.62 13.84 6.03
C GLN A 190 -5.59 12.92 4.79
N THR A 191 -5.93 13.49 3.64
CA THR A 191 -5.82 12.77 2.35
C THR A 191 -4.36 12.87 1.88
N PRO A 192 -3.88 11.88 1.08
CA PRO A 192 -2.48 11.96 0.64
C PRO A 192 -2.10 13.27 -0.07
N LEU A 193 -0.86 13.67 0.10
CA LEU A 193 -0.34 14.88 -0.54
C LEU A 193 -0.37 14.75 -2.07
N LEU A 194 -0.66 15.86 -2.75
CA LEU A 194 -0.73 15.87 -4.22
C LEU A 194 0.62 16.35 -4.78
N PRO A 195 1.37 15.44 -5.44
CA PRO A 195 2.68 15.80 -5.98
C PRO A 195 2.59 16.77 -7.14
N GLU A 196 3.63 17.57 -7.27
CA GLU A 196 3.69 18.65 -8.25
C GLU A 196 4.48 18.20 -9.48
N PRO A 197 4.07 18.68 -10.66
CA PRO A 197 4.81 18.31 -11.87
C PRO A 197 6.14 19.05 -12.01
N ASP A 198 7.17 18.31 -12.40
CA ASP A 198 8.48 18.88 -12.74
C ASP A 198 8.34 19.78 -13.95
N VAL A 199 8.85 21.01 -13.84
CA VAL A 199 8.72 22.01 -14.90
C VAL A 199 9.36 21.57 -16.22
N GLN A 200 10.60 21.09 -16.16
CA GLN A 200 11.31 20.62 -17.35
C GLN A 200 10.62 19.44 -18.03
N ALA A 201 10.14 18.47 -17.23
CA ALA A 201 9.43 17.33 -17.79
C ALA A 201 8.14 17.74 -18.49
N VAL A 202 7.41 18.67 -17.89
CA VAL A 202 6.16 19.17 -18.48
C VAL A 202 6.42 19.86 -19.83
N THR A 203 7.50 20.62 -19.89
CA THR A 203 7.88 21.29 -21.14
C THR A 203 8.25 20.26 -22.22
N ARG A 204 9.02 19.24 -21.86
CA ARG A 204 9.40 18.18 -22.79
C ARG A 204 8.17 17.39 -23.26
N LEU A 205 7.26 17.12 -22.33
CA LEU A 205 5.99 16.46 -22.64
C LEU A 205 5.18 17.29 -23.64
N THR A 206 5.08 18.58 -23.37
CA THR A 206 4.30 19.49 -24.22
C THR A 206 4.90 19.56 -25.62
N GLN A 207 6.23 19.63 -25.72
CA GLN A 207 6.87 19.67 -27.03
C GLN A 207 6.60 18.41 -27.85
N THR A 208 6.66 17.24 -27.21
CA THR A 208 6.38 15.99 -27.90
C THR A 208 4.93 15.93 -28.35
N LEU A 209 4.02 16.36 -27.48
CA LEU A 209 2.61 16.39 -27.82
C LEU A 209 2.34 17.30 -29.03
N LEU A 210 2.95 18.48 -29.01
CA LEU A 210 2.76 19.46 -30.10
C LEU A 210 3.36 19.00 -31.43
N ALA A 211 4.43 18.21 -31.38
CA ALA A 211 5.11 17.74 -32.59
C ALA A 211 4.40 16.56 -33.28
N ALA A 212 3.46 15.94 -32.56
CA ALA A 212 2.68 14.81 -33.07
C ALA A 212 1.85 15.14 -34.32
N GLU A 213 1.79 14.19 -35.25
CA GLU A 213 0.91 14.29 -36.42
C GLU A 213 -0.52 13.87 -36.09
N ARG A 214 -0.66 12.86 -35.23
CA ARG A 214 -1.97 12.28 -34.90
C ARG A 214 -2.08 12.07 -33.38
N PRO A 215 -2.08 13.17 -32.60
CA PRO A 215 -2.13 13.09 -31.13
C PRO A 215 -3.51 12.72 -30.56
N LEU A 216 -3.50 12.05 -29.40
CA LEU A 216 -4.71 11.84 -28.62
C LEU A 216 -4.40 12.06 -27.15
N ILE A 217 -5.35 12.62 -26.41
CA ILE A 217 -5.30 12.65 -24.95
C ILE A 217 -6.28 11.60 -24.46
N TYR A 218 -5.77 10.66 -23.66
CA TYR A 218 -6.51 9.46 -23.25
C TYR A 218 -6.52 9.40 -21.73
N TYR A 219 -7.61 9.82 -21.13
CA TYR A 219 -7.65 10.00 -19.66
C TYR A 219 -8.57 9.00 -18.98
N GLY A 220 -8.28 8.72 -17.72
CA GLY A 220 -9.19 7.92 -16.89
C GLY A 220 -9.70 8.75 -15.72
N ILE A 221 -10.28 8.06 -14.73
CA ILE A 221 -10.86 8.73 -13.57
C ILE A 221 -9.84 9.42 -12.67
N GLY A 222 -8.56 9.15 -12.89
CA GLY A 222 -7.53 9.92 -12.19
C GLY A 222 -7.56 11.39 -12.58
N ALA A 223 -8.21 11.69 -13.69
CA ALA A 223 -8.38 13.07 -14.17
C ALA A 223 -9.76 13.66 -13.82
N ARG A 224 -10.46 13.06 -12.84
CA ARG A 224 -11.83 13.51 -12.50
C ARG A 224 -11.92 14.97 -12.06
N LYS A 225 -10.81 15.52 -11.56
CA LYS A 225 -10.78 16.93 -11.15
C LYS A 225 -10.34 17.86 -12.27
N ALA A 226 -10.09 17.31 -13.45
CA ALA A 226 -9.44 18.07 -14.53
C ALA A 226 -10.26 18.19 -15.82
N GLY A 227 -11.58 18.04 -15.72
CA GLY A 227 -12.50 18.19 -16.85
C GLY A 227 -12.32 19.48 -17.63
N LYS A 228 -12.19 20.60 -16.91
CA LYS A 228 -12.07 21.90 -17.55
C LYS A 228 -10.78 21.96 -18.36
N GLU A 229 -9.68 21.52 -17.75
CA GLU A 229 -8.37 21.54 -18.40
C GLU A 229 -8.31 20.60 -19.62
N LEU A 230 -8.92 19.42 -19.50
CA LEU A 230 -8.99 18.47 -20.62
C LEU A 230 -9.69 19.07 -21.82
N GLU A 231 -10.89 19.60 -21.61
CA GLU A 231 -11.66 20.17 -22.72
C GLU A 231 -10.96 21.40 -23.32
N GLN A 232 -10.38 22.23 -22.45
CA GLN A 232 -9.67 23.43 -22.91
C GLN A 232 -8.42 23.07 -23.72
N LEU A 233 -7.67 22.07 -23.27
CA LEU A 233 -6.48 21.62 -24.02
C LEU A 233 -6.88 21.09 -25.39
N SER A 234 -7.96 20.30 -25.41
CA SER A 234 -8.49 19.74 -26.65
C SER A 234 -8.89 20.83 -27.64
N LYS A 235 -9.64 21.82 -27.15
CA LYS A 235 -10.10 22.92 -28.00
C LYS A 235 -8.95 23.79 -28.51
N THR A 236 -8.03 24.12 -27.61
CA THR A 236 -6.91 25.02 -27.90
C THR A 236 -5.92 24.38 -28.89
N LEU A 237 -5.59 23.11 -28.65
CA LEU A 237 -4.54 22.46 -29.41
C LEU A 237 -5.05 21.67 -30.60
N LYS A 238 -6.37 21.53 -30.68
CA LYS A 238 -7.03 20.73 -31.72
C LYS A 238 -6.61 19.26 -31.62
N ILE A 239 -6.74 18.73 -30.39
CA ILE A 239 -6.39 17.34 -30.12
C ILE A 239 -7.63 16.61 -29.60
N PRO A 240 -8.04 15.52 -30.28
CA PRO A 240 -9.22 14.79 -29.80
C PRO A 240 -9.02 14.14 -28.43
N LEU A 241 -10.13 13.95 -27.73
CA LEU A 241 -10.15 13.34 -26.40
C LEU A 241 -10.74 11.94 -26.46
N MET A 242 -10.19 11.03 -25.68
CA MET A 242 -10.83 9.74 -25.43
C MET A 242 -10.62 9.37 -23.97
N SER A 243 -11.42 8.44 -23.46
CA SER A 243 -11.35 8.13 -22.04
C SER A 243 -11.59 6.66 -21.79
N THR A 244 -11.31 6.25 -20.57
CA THR A 244 -11.80 4.95 -20.13
C THR A 244 -13.29 5.07 -19.97
N TYR A 245 -13.98 3.93 -19.98
CA TYR A 245 -15.42 3.94 -19.76
C TYR A 245 -15.85 4.65 -18.44
N PRO A 246 -15.23 4.30 -17.31
CA PRO A 246 -15.61 4.96 -16.04
C PRO A 246 -15.45 6.50 -16.08
N ALA A 247 -14.58 6.99 -16.96
CA ALA A 247 -14.29 8.42 -17.05
C ALA A 247 -15.27 9.17 -17.95
N LYS A 248 -16.23 8.44 -18.50
CA LYS A 248 -17.35 9.08 -19.21
C LYS A 248 -17.97 10.11 -18.27
N GLY A 249 -18.26 11.30 -18.80
CA GLY A 249 -18.90 12.35 -18.01
C GLY A 249 -17.97 13.41 -17.41
N ILE A 250 -16.68 13.11 -17.29
CA ILE A 250 -15.70 14.08 -16.78
C ILE A 250 -15.64 15.30 -17.73
N VAL A 251 -15.63 15.01 -19.03
CA VAL A 251 -15.89 16.00 -20.07
C VAL A 251 -17.30 15.68 -20.59
N ALA A 252 -18.12 16.70 -20.84
CA ALA A 252 -19.51 16.46 -21.29
C ALA A 252 -19.55 15.63 -22.56
N ASP A 253 -20.47 14.67 -22.61
CA ASP A 253 -20.63 13.81 -23.79
C ASP A 253 -20.87 14.62 -25.07
N ARG A 254 -21.52 15.78 -24.93
CA ARG A 254 -21.83 16.65 -26.07
C ARG A 254 -20.60 17.27 -26.72
N TYR A 255 -19.46 17.29 -26.02
CA TYR A 255 -18.24 17.88 -26.58
C TYR A 255 -17.90 17.21 -27.94
N PRO A 256 -17.86 18.01 -29.04
CA PRO A 256 -17.70 17.38 -30.37
C PRO A 256 -16.40 16.62 -30.68
N ALA A 257 -15.36 16.78 -29.85
CA ALA A 257 -14.12 16.03 -30.08
C ALA A 257 -13.89 14.95 -29.01
N TYR A 258 -14.94 14.61 -28.26
CA TYR A 258 -14.91 13.44 -27.38
C TYR A 258 -15.27 12.18 -28.18
N LEU A 259 -14.29 11.29 -28.32
CA LEU A 259 -14.39 10.09 -29.15
C LEU A 259 -15.08 8.92 -28.44
N GLY A 260 -15.12 8.98 -27.11
CA GLY A 260 -15.64 7.87 -26.31
C GLY A 260 -14.51 7.02 -25.77
N SER A 261 -14.83 5.76 -25.46
CA SER A 261 -13.89 4.81 -24.87
C SER A 261 -13.50 3.72 -25.86
N ALA A 262 -12.42 2.99 -25.55
CA ALA A 262 -11.88 1.94 -26.44
C ALA A 262 -12.22 0.52 -25.96
N ASN A 263 -11.97 -0.43 -26.86
CA ASN A 263 -12.24 -1.86 -26.69
C ASN A 263 -13.71 -2.24 -26.97
N ARG A 264 -14.44 -2.68 -25.93
CA ARG A 264 -15.77 -3.27 -26.12
C ARG A 264 -16.88 -2.42 -25.51
N VAL A 265 -16.70 -2.00 -24.25
CA VAL A 265 -17.54 -0.95 -23.71
C VAL A 265 -16.93 0.32 -24.24
N ALA A 266 -17.34 0.66 -25.46
CA ALA A 266 -16.53 1.47 -26.34
C ALA A 266 -17.37 2.12 -27.41
N GLN A 267 -16.80 3.16 -28.02
CA GLN A 267 -17.44 3.84 -29.13
C GLN A 267 -16.51 3.74 -30.34
N LYS A 268 -17.10 3.54 -31.51
CA LYS A 268 -16.34 3.37 -32.77
C LYS A 268 -15.20 4.41 -32.98
N PRO A 269 -15.49 5.72 -32.84
CA PRO A 269 -14.43 6.70 -33.10
C PRO A 269 -13.18 6.54 -32.25
N ALA A 270 -13.33 6.15 -31.00
CA ALA A 270 -12.17 5.92 -30.13
C ALA A 270 -11.30 4.75 -30.59
N ASN A 271 -11.91 3.62 -30.92
CA ASN A 271 -11.13 2.48 -31.39
C ASN A 271 -10.38 2.81 -32.67
N GLU A 272 -11.06 3.48 -33.59
CA GLU A 272 -10.43 3.79 -34.86
C GLU A 272 -9.28 4.77 -34.72
N ALA A 273 -9.50 5.83 -33.94
CA ALA A 273 -8.48 6.86 -33.76
C ALA A 273 -7.26 6.31 -33.03
N LEU A 274 -7.48 5.52 -31.98
CA LEU A 274 -6.37 4.98 -31.20
C LEU A 274 -5.43 4.14 -32.08
N ALA A 275 -6.01 3.40 -33.03
CA ALA A 275 -5.23 2.57 -33.93
C ALA A 275 -4.29 3.39 -34.82
N GLN A 276 -4.70 4.63 -35.10
CA GLN A 276 -3.95 5.54 -35.99
C GLN A 276 -3.00 6.50 -35.27
N ALA A 277 -3.14 6.65 -33.96
CA ALA A 277 -2.43 7.74 -33.26
C ALA A 277 -0.93 7.53 -33.17
N ASP A 278 -0.15 8.61 -33.29
CA ASP A 278 1.30 8.50 -33.13
C ASP A 278 1.78 8.87 -31.73
N VAL A 279 1.04 9.73 -31.05
CA VAL A 279 1.40 10.15 -29.69
C VAL A 279 0.15 10.11 -28.81
N VAL A 280 0.27 9.45 -27.66
CA VAL A 280 -0.83 9.36 -26.70
C VAL A 280 -0.39 9.97 -25.39
N LEU A 281 -1.16 10.94 -24.89
CA LEU A 281 -1.00 11.42 -23.53
C LEU A 281 -1.96 10.64 -22.65
N PHE A 282 -1.41 9.76 -21.83
CA PHE A 282 -2.13 8.78 -21.02
C PHE A 282 -2.16 9.34 -19.61
N VAL A 283 -3.32 9.80 -19.13
CA VAL A 283 -3.42 10.60 -17.90
C VAL A 283 -4.43 10.02 -16.91
N GLY A 284 -3.97 9.76 -15.68
CA GLY A 284 -4.87 9.24 -14.64
C GLY A 284 -5.61 8.01 -15.12
N ASN A 285 -4.86 7.11 -15.75
CA ASN A 285 -5.44 6.02 -16.54
C ASN A 285 -4.75 4.70 -16.25
N ASN A 286 -5.52 3.67 -15.89
CA ASN A 286 -4.99 2.31 -15.74
C ASN A 286 -5.75 1.26 -16.57
N TYR A 287 -6.16 1.68 -17.77
CA TYR A 287 -6.81 0.84 -18.78
C TYR A 287 -6.30 -0.61 -18.78
N PRO A 288 -7.14 -1.56 -18.33
CA PRO A 288 -6.68 -2.94 -18.15
C PRO A 288 -6.53 -3.74 -19.45
N PHE A 289 -6.99 -3.18 -20.56
CA PHE A 289 -6.91 -3.87 -21.85
C PHE A 289 -5.67 -3.50 -22.66
N ALA A 290 -4.83 -2.59 -22.13
CA ALA A 290 -3.71 -2.03 -22.91
C ALA A 290 -2.87 -3.11 -23.60
N GLU A 291 -2.37 -4.05 -22.81
CA GLU A 291 -1.48 -5.09 -23.34
C GLU A 291 -2.23 -6.15 -24.14
N VAL A 292 -3.30 -6.69 -23.56
CA VAL A 292 -3.99 -7.83 -24.16
C VAL A 292 -4.64 -7.49 -25.50
N SER A 293 -5.04 -6.23 -25.68
CA SER A 293 -5.64 -5.78 -26.93
C SER A 293 -4.63 -5.13 -27.88
N LYS A 294 -3.36 -5.08 -27.46
CA LYS A 294 -2.29 -4.44 -28.25
C LYS A 294 -2.67 -3.00 -28.63
N ALA A 295 -3.30 -2.30 -27.69
CA ALA A 295 -3.83 -0.96 -27.93
C ALA A 295 -2.78 0.00 -28.48
N PHE A 296 -1.57 -0.09 -27.93
CA PHE A 296 -0.53 0.90 -28.23
C PHE A 296 0.58 0.35 -29.11
N LYS A 297 0.30 -0.73 -29.84
CA LYS A 297 1.34 -1.39 -30.63
C LYS A 297 1.96 -0.49 -31.69
N ASN A 298 1.19 0.46 -32.23
CA ASN A 298 1.71 1.36 -33.26
C ASN A 298 1.94 2.80 -32.80
N THR A 299 1.78 3.04 -31.51
CA THR A 299 2.03 4.35 -30.92
C THR A 299 3.53 4.65 -30.93
N ARG A 300 3.92 5.81 -31.43
CA ARG A 300 5.34 6.16 -31.48
C ARG A 300 5.85 6.67 -30.14
N TYR A 301 5.14 7.64 -29.55
CA TYR A 301 5.52 8.18 -28.26
C TYR A 301 4.38 8.08 -27.27
N PHE A 302 4.72 7.66 -26.05
CA PHE A 302 3.76 7.41 -25.00
C PHE A 302 4.13 8.29 -23.81
N LEU A 303 3.21 9.19 -23.45
CA LEU A 303 3.45 10.19 -22.39
C LEU A 303 2.47 9.92 -21.26
N GLN A 304 2.96 9.79 -20.02
CA GLN A 304 2.06 9.39 -18.94
C GLN A 304 2.12 10.34 -17.75
N ILE A 305 0.94 10.64 -17.19
CA ILE A 305 0.81 11.42 -15.97
C ILE A 305 -0.01 10.58 -14.99
N ASP A 306 0.57 10.27 -13.82
CA ASP A 306 -0.14 9.52 -12.78
C ASP A 306 0.43 9.86 -11.41
N ILE A 307 -0.42 9.80 -10.38
CA ILE A 307 -0.01 10.09 -9.00
C ILE A 307 0.68 8.88 -8.34
N ASP A 308 0.51 7.70 -8.93
CA ASP A 308 0.94 6.43 -8.32
C ASP A 308 2.18 5.90 -9.04
N PRO A 309 3.33 5.81 -8.33
CA PRO A 309 4.55 5.33 -8.97
C PRO A 309 4.43 3.89 -9.46
N ALA A 310 3.53 3.11 -8.86
CA ALA A 310 3.29 1.74 -9.32
C ALA A 310 2.72 1.66 -10.74
N LYS A 311 2.22 2.79 -11.24
CA LYS A 311 1.54 2.84 -12.55
C LYS A 311 2.44 3.33 -13.68
N LEU A 312 3.57 3.93 -13.32
CA LEU A 312 4.42 4.61 -14.32
C LEU A 312 5.20 3.62 -15.20
N GLY A 313 4.85 3.58 -16.48
CA GLY A 313 5.41 2.60 -17.41
C GLY A 313 4.77 1.23 -17.27
N LYS A 314 3.64 1.15 -16.56
CA LYS A 314 2.94 -0.13 -16.38
C LYS A 314 2.33 -0.67 -17.68
N ARG A 315 1.62 0.18 -18.41
CA ARG A 315 0.79 -0.29 -19.53
C ARG A 315 1.46 -0.16 -20.90
N HIS A 316 2.56 0.59 -20.93
CA HIS A 316 3.43 0.75 -22.11
C HIS A 316 4.71 1.46 -21.67
N LYS A 317 5.80 1.26 -22.41
CA LYS A 317 7.02 1.99 -22.10
C LYS A 317 6.79 3.48 -22.32
N THR A 318 7.23 4.27 -21.36
CA THR A 318 7.02 5.70 -21.42
C THR A 318 8.22 6.42 -22.04
N ASP A 319 7.92 7.48 -22.78
CA ASP A 319 8.94 8.40 -23.27
C ASP A 319 9.12 9.58 -22.34
N ILE A 320 8.03 9.99 -21.70
CA ILE A 320 8.07 10.97 -20.61
C ILE A 320 7.02 10.51 -19.60
N ALA A 321 7.42 10.44 -18.34
CA ALA A 321 6.54 10.04 -17.24
C ALA A 321 6.58 11.12 -16.19
N VAL A 322 5.41 11.55 -15.74
CA VAL A 322 5.29 12.59 -14.74
C VAL A 322 4.51 12.03 -13.55
N LEU A 323 5.18 11.96 -12.41
CA LEU A 323 4.57 11.54 -11.16
C LEU A 323 3.94 12.75 -10.49
N ALA A 324 2.68 13.04 -10.84
CA ALA A 324 2.01 14.22 -10.33
C ALA A 324 0.50 14.15 -10.47
N ASP A 325 -0.16 15.06 -9.76
CA ASP A 325 -1.60 15.25 -9.86
C ASP A 325 -1.97 15.61 -11.30
N ALA A 326 -3.05 14.99 -11.79
CA ALA A 326 -3.52 15.18 -13.16
C ALA A 326 -3.89 16.64 -13.42
N GLN A 327 -4.72 17.21 -12.56
CA GLN A 327 -5.16 18.59 -12.77
C GLN A 327 -3.99 19.59 -12.74
N LYS A 328 -3.09 19.44 -11.76
CA LYS A 328 -1.93 20.35 -11.67
C LYS A 328 -1.07 20.26 -12.93
N THR A 329 -0.86 19.04 -13.42
CA THR A 329 -0.04 18.84 -14.61
C THR A 329 -0.71 19.38 -15.90
N LEU A 330 -1.99 19.07 -16.07
CA LEU A 330 -2.75 19.52 -17.24
C LEU A 330 -2.86 21.05 -17.28
N ALA A 331 -3.04 21.64 -16.09
CA ALA A 331 -3.02 23.10 -15.99
C ALA A 331 -1.67 23.67 -16.43
N ALA A 332 -0.59 23.01 -16.03
CA ALA A 332 0.76 23.46 -16.37
C ALA A 332 1.04 23.38 -17.87
N ILE A 333 0.52 22.34 -18.52
CA ILE A 333 0.62 22.24 -19.98
C ILE A 333 -0.17 23.38 -20.62
N LEU A 334 -1.41 23.58 -20.16
CA LEU A 334 -2.29 24.58 -20.75
C LEU A 334 -1.69 25.99 -20.63
N ALA A 335 -1.01 26.22 -19.51
CA ALA A 335 -0.39 27.53 -19.22
C ALA A 335 0.72 27.91 -20.20
N GLN A 336 1.34 26.92 -20.85
CA GLN A 336 2.47 27.18 -21.74
C GLN A 336 2.18 26.97 -23.23
N VAL A 337 0.91 26.83 -23.57
CA VAL A 337 0.52 26.69 -24.98
C VAL A 337 -0.46 27.79 -25.40
N SER A 338 -0.53 28.02 -26.71
CA SER A 338 -1.52 28.93 -27.24
C SER A 338 -2.33 28.26 -28.36
N GLU A 339 -3.41 28.92 -28.75
CA GLU A 339 -4.32 28.46 -29.79
C GLU A 339 -3.56 27.99 -31.04
N ARG A 340 -3.90 26.78 -31.49
CA ARG A 340 -3.37 26.19 -32.73
C ARG A 340 -4.45 26.15 -33.79
N GLU A 341 -4.03 26.26 -35.04
CA GLU A 341 -4.95 26.11 -36.16
C GLU A 341 -5.39 24.65 -36.31
N SER A 342 -6.56 24.49 -36.91
CA SER A 342 -7.08 23.19 -37.29
C SER A 342 -6.05 22.35 -38.07
N THR A 343 -6.17 21.03 -37.95
CA THR A 343 -5.32 20.10 -38.68
C THR A 343 -6.19 19.07 -39.43
N PRO A 344 -5.63 18.37 -40.43
CA PRO A 344 -6.35 17.27 -41.08
C PRO A 344 -6.82 16.20 -40.09
N TRP A 345 -5.96 15.84 -39.14
CA TRP A 345 -6.30 14.86 -38.12
C TRP A 345 -7.50 15.29 -37.27
N TRP A 346 -7.48 16.54 -36.83
CA TRP A 346 -8.58 17.10 -36.07
C TRP A 346 -9.91 17.03 -36.85
N GLN A 347 -9.91 17.50 -38.09
CA GLN A 347 -11.14 17.49 -38.87
C GLN A 347 -11.67 16.09 -39.17
N ALA A 348 -10.77 15.16 -39.47
CA ALA A 348 -11.17 13.77 -39.76
C ALA A 348 -11.88 13.16 -38.55
N ASN A 349 -11.34 13.41 -37.36
CA ASN A 349 -11.98 12.91 -36.15
C ASN A 349 -13.31 13.57 -35.86
N LEU A 350 -13.41 14.89 -36.06
CA LEU A 350 -14.67 15.59 -35.84
C LEU A 350 -15.78 15.03 -36.73
N ALA A 351 -15.44 14.76 -38.00
CA ALA A 351 -16.40 14.22 -38.95
C ALA A 351 -16.84 12.82 -38.53
N ASN A 352 -15.86 12.03 -38.08
CA ASN A 352 -16.14 10.65 -37.64
C ASN A 352 -17.10 10.62 -36.45
N VAL A 353 -16.87 11.50 -35.48
CA VAL A 353 -17.76 11.63 -34.32
C VAL A 353 -19.20 11.99 -34.75
N LYS A 354 -19.33 12.97 -35.64
CA LYS A 354 -20.65 13.37 -36.14
C LYS A 354 -21.39 12.18 -36.76
N ASN A 355 -20.69 11.41 -37.59
CA ASN A 355 -21.26 10.23 -38.24
C ASN A 355 -21.74 9.20 -37.21
N TRP A 356 -20.92 8.96 -36.20
CA TRP A 356 -21.24 8.01 -35.14
C TRP A 356 -22.45 8.45 -34.31
N ARG A 357 -22.47 9.73 -33.92
CA ARG A 357 -23.59 10.23 -33.12
C ARG A 357 -24.90 10.20 -33.89
N ALA A 358 -24.84 10.43 -35.21
CA ALA A 358 -26.03 10.30 -36.04
C ALA A 358 -26.57 8.86 -36.06
N TYR A 359 -25.66 7.89 -36.10
CA TYR A 359 -26.03 6.48 -35.98
C TYR A 359 -26.76 6.18 -34.66
N LEU A 360 -26.17 6.62 -33.55
CA LEU A 360 -26.79 6.36 -32.24
C LEU A 360 -28.16 7.04 -32.15
N ALA A 361 -28.24 8.27 -32.64
CA ALA A 361 -29.52 8.98 -32.68
C ALA A 361 -30.59 8.24 -33.51
N SER A 362 -30.20 7.65 -34.63
CA SER A 362 -31.15 6.92 -35.47
C SER A 362 -31.77 5.75 -34.70
N LEU A 363 -30.97 5.10 -33.84
CA LEU A 363 -31.45 3.99 -33.01
C LEU A 363 -32.39 4.50 -31.93
N GLU A 364 -31.99 5.59 -31.27
CA GLU A 364 -32.78 6.20 -30.21
C GLU A 364 -34.13 6.73 -30.68
N ASP A 365 -34.16 7.24 -31.93
CA ASP A 365 -35.30 8.02 -32.42
C ASP A 365 -36.44 7.22 -33.06
N LYS A 366 -36.33 5.90 -33.07
CA LYS A 366 -37.46 5.07 -33.50
C LYS A 366 -38.66 5.38 -32.60
N GLN A 367 -39.85 5.36 -33.18
CA GLN A 367 -41.05 5.79 -32.46
C GLN A 367 -42.05 4.67 -32.20
N GLU A 368 -41.95 3.59 -32.97
CA GLU A 368 -42.83 2.44 -32.79
C GLU A 368 -42.14 1.14 -33.16
N GLY A 369 -42.67 0.04 -32.64
CA GLY A 369 -42.19 -1.29 -32.99
C GLY A 369 -41.62 -2.02 -31.79
N PRO A 370 -40.96 -3.16 -32.04
CA PRO A 370 -40.41 -3.98 -30.95
C PRO A 370 -39.34 -3.21 -30.19
N LEU A 371 -39.44 -3.24 -28.86
CA LEU A 371 -38.56 -2.45 -28.00
C LEU A 371 -37.12 -2.96 -28.02
N GLN A 372 -36.18 -2.03 -28.20
CA GLN A 372 -34.76 -2.30 -28.10
C GLN A 372 -34.15 -1.51 -26.92
N ALA A 373 -32.99 -1.94 -26.45
CA ALA A 373 -32.26 -1.24 -25.39
C ALA A 373 -32.04 0.26 -25.70
N TYR A 374 -31.85 0.57 -26.99
CA TYR A 374 -31.54 1.93 -27.40
C TYR A 374 -32.63 2.93 -27.08
N GLN A 375 -33.90 2.55 -27.30
CA GLN A 375 -35.00 3.49 -27.04
C GLN A 375 -35.28 3.60 -25.54
N VAL A 376 -35.06 2.50 -24.82
CA VAL A 376 -35.19 2.54 -23.36
C VAL A 376 -34.25 3.61 -22.78
N LEU A 377 -33.02 3.63 -23.26
CA LEU A 377 -32.04 4.62 -22.79
C LEU A 377 -32.36 6.04 -23.23
N ARG A 378 -32.93 6.19 -24.42
CA ARG A 378 -33.43 7.49 -24.85
C ARG A 378 -34.54 7.96 -23.88
N ALA A 379 -35.42 7.04 -23.47
CA ALA A 379 -36.50 7.37 -22.54
C ALA A 379 -35.96 7.77 -21.17
N VAL A 380 -34.89 7.10 -20.73
CA VAL A 380 -34.15 7.51 -19.53
C VAL A 380 -33.61 8.96 -19.68
N ASN A 381 -32.93 9.22 -20.79
CA ASN A 381 -32.42 10.57 -21.08
C ASN A 381 -33.49 11.64 -21.00
N LYS A 382 -34.67 11.31 -21.52
CA LYS A 382 -35.80 12.26 -21.57
C LYS A 382 -36.37 12.63 -20.20
N ILE A 383 -36.27 11.73 -19.21
CA ILE A 383 -36.76 12.05 -17.86
C ILE A 383 -35.64 12.38 -16.87
N ALA A 384 -34.40 12.30 -17.33
CA ALA A 384 -33.26 12.50 -16.45
C ALA A 384 -33.04 13.97 -16.08
N GLU A 385 -32.81 14.21 -14.80
CA GLU A 385 -32.41 15.53 -14.29
C GLU A 385 -30.91 15.75 -14.59
N PRO A 386 -30.48 17.02 -14.69
CA PRO A 386 -29.09 17.30 -15.06
C PRO A 386 -28.02 16.74 -14.10
N ASP A 387 -28.40 16.51 -12.84
CA ASP A 387 -27.46 16.01 -11.85
C ASP A 387 -27.82 14.61 -11.39
N ALA A 388 -28.52 13.86 -12.24
CA ALA A 388 -28.90 12.48 -11.91
C ALA A 388 -27.68 11.61 -11.66
N ILE A 389 -27.86 10.60 -10.82
CA ILE A 389 -26.84 9.61 -10.53
C ILE A 389 -27.30 8.27 -11.07
N TYR A 390 -26.37 7.55 -11.73
CA TYR A 390 -26.67 6.26 -12.33
C TYR A 390 -25.86 5.15 -11.67
N SER A 391 -26.57 4.19 -11.08
CA SER A 391 -25.96 2.93 -10.65
C SER A 391 -26.19 1.92 -11.76
N ILE A 392 -25.11 1.40 -12.34
CA ILE A 392 -25.21 0.56 -13.53
C ILE A 392 -24.69 -0.85 -13.20
N ASP A 393 -25.46 -1.86 -13.60
CA ASP A 393 -25.07 -3.26 -13.37
C ASP A 393 -24.03 -3.69 -14.41
N VAL A 394 -23.90 -4.98 -14.66
CA VAL A 394 -22.80 -5.48 -15.49
C VAL A 394 -23.32 -6.33 -16.65
N GLY A 395 -22.91 -5.99 -17.87
CA GLY A 395 -23.33 -6.72 -19.07
C GLY A 395 -23.53 -5.75 -20.20
N ASP A 396 -24.47 -6.06 -21.10
CA ASP A 396 -24.76 -5.18 -22.24
C ASP A 396 -25.04 -3.75 -21.77
N ILE A 397 -25.63 -3.61 -20.57
CA ILE A 397 -25.97 -2.26 -20.09
C ILE A 397 -24.75 -1.33 -19.98
N ASN A 398 -23.57 -1.88 -19.67
CA ASN A 398 -22.38 -1.02 -19.62
C ASN A 398 -22.12 -0.40 -21.00
N LEU A 399 -22.20 -1.24 -22.04
CA LEU A 399 -21.97 -0.79 -23.42
C LEU A 399 -23.03 0.19 -23.84
N ASN A 400 -24.29 -0.18 -23.60
CA ASN A 400 -25.41 0.67 -24.02
C ASN A 400 -25.46 2.00 -23.27
N ALA A 401 -25.23 1.97 -21.96
CA ALA A 401 -25.23 3.22 -21.17
C ALA A 401 -24.08 4.11 -21.61
N ASN A 402 -22.92 3.51 -21.86
CA ASN A 402 -21.75 4.25 -22.32
C ASN A 402 -22.03 5.00 -23.63
N ARG A 403 -22.80 4.37 -24.52
CA ARG A 403 -23.11 5.01 -25.80
C ARG A 403 -24.22 6.04 -25.70
N HIS A 404 -25.28 5.73 -24.95
CA HIS A 404 -26.51 6.51 -25.00
C HIS A 404 -26.72 7.56 -23.92
N LEU A 405 -26.26 7.31 -22.70
CA LEU A 405 -26.44 8.33 -21.65
C LEU A 405 -25.72 9.63 -22.02
N LYS A 406 -26.40 10.74 -21.80
CA LYS A 406 -25.87 12.06 -22.11
C LYS A 406 -25.41 12.71 -20.81
N LEU A 407 -24.15 12.46 -20.45
CA LEU A 407 -23.62 12.89 -19.17
C LEU A 407 -22.80 14.16 -19.23
N THR A 408 -22.76 14.85 -18.10
CA THR A 408 -21.96 16.05 -17.92
C THR A 408 -21.25 15.94 -16.58
N PRO A 409 -20.30 16.86 -16.30
CA PRO A 409 -19.68 16.92 -14.96
C PRO A 409 -20.64 16.93 -13.77
N SER A 410 -21.91 17.28 -14.00
CA SER A 410 -22.92 17.32 -12.92
C SER A 410 -23.44 15.95 -12.51
N ASN A 411 -23.24 14.95 -13.38
CA ASN A 411 -23.68 13.59 -13.12
C ASN A 411 -22.68 12.79 -12.33
N ARG A 412 -23.16 11.68 -11.77
CA ARG A 412 -22.27 10.60 -11.35
C ARG A 412 -22.77 9.29 -11.97
N HIS A 413 -21.84 8.42 -12.33
CA HIS A 413 -22.20 7.05 -12.65
C HIS A 413 -21.20 6.09 -12.02
N ILE A 414 -21.70 4.96 -11.55
CA ILE A 414 -20.86 3.95 -10.91
C ILE A 414 -21.25 2.57 -11.39
N THR A 415 -20.27 1.68 -11.49
CA THR A 415 -20.50 0.25 -11.67
C THR A 415 -19.37 -0.47 -10.95
N SER A 416 -19.32 -1.79 -11.08
CA SER A 416 -18.19 -2.57 -10.63
C SER A 416 -17.14 -2.53 -11.77
N ASN A 417 -16.20 -1.57 -11.70
CA ASN A 417 -15.33 -1.30 -12.87
C ASN A 417 -14.43 -2.45 -13.34
N LEU A 418 -13.83 -3.16 -12.38
CA LEU A 418 -12.73 -4.08 -12.69
C LEU A 418 -13.03 -5.51 -12.25
N PHE A 419 -13.55 -5.67 -11.03
CA PHE A 419 -14.05 -6.98 -10.60
C PHE A 419 -15.27 -7.35 -11.43
N ALA A 420 -16.05 -6.33 -11.81
CA ALA A 420 -17.20 -6.48 -12.67
C ALA A 420 -18.20 -7.51 -12.14
N THR A 421 -18.52 -7.41 -10.86
CA THR A 421 -19.54 -8.28 -10.28
C THR A 421 -20.95 -7.85 -10.71
N MET A 422 -21.69 -8.78 -11.30
CA MET A 422 -23.10 -8.56 -11.55
C MET A 422 -23.83 -8.36 -10.22
N GLY A 423 -24.96 -7.66 -10.29
CA GLY A 423 -25.84 -7.47 -9.14
C GLY A 423 -25.64 -6.13 -8.43
N VAL A 424 -24.65 -5.35 -8.88
CA VAL A 424 -24.33 -4.08 -8.21
C VAL A 424 -25.33 -2.95 -8.45
N GLY A 425 -26.19 -3.09 -9.45
CA GLY A 425 -27.15 -2.02 -9.77
C GLY A 425 -28.03 -1.62 -8.60
N ILE A 426 -28.66 -2.62 -7.98
CA ILE A 426 -29.56 -2.37 -6.85
C ILE A 426 -28.83 -1.74 -5.64
N PRO A 427 -27.75 -2.39 -5.13
CA PRO A 427 -27.02 -1.77 -4.00
C PRO A 427 -26.40 -0.40 -4.30
N GLY A 428 -25.89 -0.21 -5.52
CA GLY A 428 -25.32 1.08 -5.90
C GLY A 428 -26.36 2.17 -5.81
N ALA A 429 -27.60 1.84 -6.18
CA ALA A 429 -28.69 2.81 -6.17
C ALA A 429 -29.18 3.09 -4.75
N ILE A 430 -29.21 2.06 -3.90
CA ILE A 430 -29.47 2.24 -2.47
C ILE A 430 -28.47 3.22 -1.86
N ALA A 431 -27.18 3.01 -2.10
CA ALA A 431 -26.14 3.90 -1.56
C ALA A 431 -26.30 5.32 -2.12
N ALA A 432 -26.57 5.41 -3.42
CA ALA A 432 -26.71 6.72 -4.07
C ALA A 432 -27.84 7.53 -3.43
N LYS A 433 -28.99 6.89 -3.23
CA LYS A 433 -30.15 7.60 -2.67
C LYS A 433 -29.95 7.96 -1.19
N LEU A 434 -29.25 7.12 -0.44
CA LEU A 434 -28.90 7.46 0.94
C LEU A 434 -27.99 8.68 1.04
N ASN A 435 -27.01 8.74 0.13
CA ASN A 435 -26.05 9.85 0.12
C ASN A 435 -26.55 11.13 -0.55
N TYR A 436 -27.54 11.00 -1.43
CA TYR A 436 -28.04 12.13 -2.23
C TYR A 436 -29.56 12.06 -2.35
N PRO A 437 -30.27 12.21 -1.21
CA PRO A 437 -31.73 12.07 -1.21
C PRO A 437 -32.46 13.04 -2.15
N GLU A 438 -31.86 14.21 -2.42
CA GLU A 438 -32.47 15.21 -3.29
C GLU A 438 -32.10 15.06 -4.77
N ARG A 439 -31.24 14.09 -5.08
CA ARG A 439 -30.86 13.86 -6.49
C ARG A 439 -31.57 12.63 -7.03
N GLN A 440 -31.92 12.69 -8.31
CA GLN A 440 -32.58 11.58 -8.99
C GLN A 440 -31.57 10.43 -9.15
N VAL A 441 -32.02 9.21 -8.87
CA VAL A 441 -31.15 8.04 -8.92
C VAL A 441 -31.76 6.94 -9.78
N PHE A 442 -30.97 6.44 -10.74
CA PHE A 442 -31.38 5.31 -11.58
C PHE A 442 -30.59 4.07 -11.22
N ASN A 443 -31.26 2.93 -11.31
CA ASN A 443 -30.60 1.63 -11.34
C ASN A 443 -30.84 1.05 -12.71
N LEU A 444 -29.79 0.93 -13.50
CA LEU A 444 -29.90 0.39 -14.85
C LEU A 444 -29.25 -0.99 -14.85
N ALA A 445 -30.05 -2.04 -15.07
CA ALA A 445 -29.55 -3.41 -14.90
C ALA A 445 -30.11 -4.36 -15.94
N GLY A 446 -29.29 -5.31 -16.39
CA GLY A 446 -29.78 -6.42 -17.18
C GLY A 446 -30.54 -7.40 -16.31
N ASP A 447 -31.27 -8.32 -16.95
CA ASP A 447 -32.10 -9.25 -16.19
C ASP A 447 -31.30 -10.26 -15.38
N GLY A 448 -30.16 -10.68 -15.91
CA GLY A 448 -29.24 -11.56 -15.18
C GLY A 448 -28.74 -10.92 -13.90
N GLY A 449 -28.28 -9.67 -13.99
CA GLY A 449 -27.75 -8.97 -12.82
C GLY A 449 -28.81 -8.58 -11.81
N ALA A 450 -29.93 -8.08 -12.32
CA ALA A 450 -31.06 -7.73 -11.47
C ALA A 450 -31.54 -8.96 -10.69
N SER A 451 -31.58 -10.13 -11.36
CA SER A 451 -32.00 -11.38 -10.70
C SER A 451 -31.14 -11.72 -9.50
N MET A 452 -29.85 -11.43 -9.59
CA MET A 452 -28.91 -11.84 -8.54
C MET A 452 -29.16 -11.13 -7.22
N THR A 453 -29.61 -9.88 -7.29
CA THR A 453 -29.81 -9.08 -6.07
C THR A 453 -31.26 -8.58 -5.91
N MET A 454 -32.18 -9.24 -6.62
CA MET A 454 -33.60 -8.82 -6.68
C MET A 454 -34.27 -8.65 -5.32
N GLN A 455 -33.89 -9.47 -4.35
CA GLN A 455 -34.55 -9.41 -3.03
C GLN A 455 -34.38 -8.04 -2.37
N ASP A 456 -33.28 -7.35 -2.70
CA ASP A 456 -33.03 -6.05 -2.08
C ASP A 456 -33.73 -4.87 -2.73
N LEU A 457 -34.59 -5.15 -3.72
CA LEU A 457 -35.64 -4.19 -4.08
C LEU A 457 -36.50 -3.91 -2.82
N ALA A 458 -36.64 -4.91 -1.95
CA ALA A 458 -37.39 -4.76 -0.69
C ALA A 458 -36.78 -3.70 0.21
N THR A 459 -35.45 -3.54 0.12
CA THR A 459 -34.71 -2.59 0.93
C THR A 459 -35.00 -1.16 0.49
N GLN A 460 -35.14 -0.96 -0.82
CA GLN A 460 -35.59 0.34 -1.34
C GLN A 460 -36.97 0.69 -0.80
N VAL A 461 -37.86 -0.31 -0.76
CA VAL A 461 -39.22 -0.10 -0.23
C VAL A 461 -39.18 0.22 1.26
N GLN A 462 -38.42 -0.58 2.01
CA GLN A 462 -38.37 -0.47 3.47
C GLN A 462 -37.87 0.88 3.95
N TYR A 463 -36.88 1.42 3.25
CA TYR A 463 -36.27 2.68 3.65
C TYR A 463 -36.75 3.86 2.79
N HIS A 464 -37.82 3.60 2.03
CA HIS A 464 -38.48 4.60 1.18
C HIS A 464 -37.49 5.37 0.30
N LEU A 465 -36.67 4.63 -0.43
CA LEU A 465 -35.61 5.19 -1.25
C LEU A 465 -36.08 5.24 -2.69
N PRO A 466 -36.46 6.44 -3.19
CA PRO A 466 -37.11 6.57 -4.50
C PRO A 466 -36.20 6.37 -5.74
N VAL A 467 -35.66 5.17 -5.87
CA VAL A 467 -34.85 4.77 -7.02
C VAL A 467 -35.74 4.47 -8.21
N ILE A 468 -35.28 4.87 -9.40
CA ILE A 468 -35.93 4.47 -10.65
C ILE A 468 -35.16 3.26 -11.18
N ASN A 469 -35.75 2.08 -11.02
CA ASN A 469 -35.11 0.84 -11.46
C ASN A 469 -35.56 0.53 -12.87
N VAL A 470 -34.59 0.29 -13.76
CA VAL A 470 -34.90 -0.09 -15.14
C VAL A 470 -34.20 -1.42 -15.47
N VAL A 471 -35.00 -2.46 -15.66
CA VAL A 471 -34.48 -3.79 -15.96
C VAL A 471 -34.60 -4.06 -17.46
N PHE A 472 -33.50 -4.51 -18.05
CA PHE A 472 -33.43 -4.80 -19.49
C PHE A 472 -33.60 -6.29 -19.68
N THR A 473 -34.84 -6.71 -19.94
CA THR A 473 -35.19 -8.14 -20.01
C THR A 473 -35.06 -8.67 -21.44
N ASN A 474 -33.93 -9.33 -21.71
CA ASN A 474 -33.75 -10.03 -22.98
C ASN A 474 -33.85 -11.56 -22.88
N CYS A 475 -34.04 -12.05 -21.66
CA CYS A 475 -34.05 -13.50 -21.38
C CYS A 475 -32.73 -14.16 -21.78
N GLN A 476 -31.64 -13.40 -21.65
CA GLN A 476 -30.31 -13.89 -21.98
C GLN A 476 -29.26 -13.30 -21.04
N TYR A 477 -28.12 -13.97 -20.93
CA TYR A 477 -26.90 -13.30 -20.56
C TYR A 477 -26.31 -12.83 -21.89
N GLY A 478 -26.80 -11.69 -22.36
CA GLY A 478 -26.45 -11.22 -23.73
C GLY A 478 -24.96 -11.03 -23.95
N TRP A 479 -24.30 -10.41 -22.97
CA TRP A 479 -22.86 -10.16 -23.02
C TRP A 479 -22.10 -11.45 -23.30
N ILE A 480 -22.54 -12.53 -22.64
CA ILE A 480 -21.90 -13.85 -22.76
C ILE A 480 -22.31 -14.60 -24.03
N LYS A 481 -23.58 -14.48 -24.42
CA LYS A 481 -24.04 -15.05 -25.70
C LYS A 481 -23.17 -14.54 -26.84
N ASP A 482 -22.94 -13.23 -26.87
CA ASP A 482 -22.10 -12.62 -27.91
C ASP A 482 -20.68 -13.14 -27.88
N GLU A 483 -20.13 -13.36 -26.69
CA GLU A 483 -18.81 -13.97 -26.55
C GLU A 483 -18.79 -15.38 -27.13
N GLN A 484 -19.80 -16.18 -26.81
CA GLN A 484 -19.89 -17.54 -27.36
C GLN A 484 -20.01 -17.51 -28.88
N GLU A 485 -20.75 -16.53 -29.39
CA GLU A 485 -20.85 -16.39 -30.84
C GLU A 485 -19.46 -16.22 -31.46
N ASP A 486 -18.63 -15.42 -30.78
CA ASP A 486 -17.29 -15.05 -31.26
C ASP A 486 -16.24 -16.16 -31.12
N THR A 487 -16.35 -17.00 -30.09
CA THR A 487 -15.31 -17.96 -29.75
C THR A 487 -15.67 -19.45 -29.86
N ASN A 488 -16.93 -19.79 -29.54
CA ASN A 488 -17.28 -21.20 -29.36
C ASN A 488 -17.63 -21.91 -30.65
N GLN A 489 -17.23 -23.17 -30.73
CA GLN A 489 -17.47 -23.98 -31.93
C GLN A 489 -18.84 -24.63 -31.90
N ASN A 490 -19.29 -25.02 -30.71
CA ASN A 490 -20.53 -25.75 -30.53
C ASN A 490 -21.67 -24.79 -30.20
N ASP A 491 -22.89 -25.32 -30.07
CA ASP A 491 -24.07 -24.48 -29.88
C ASP A 491 -23.99 -23.63 -28.60
N PHE A 492 -24.71 -22.52 -28.59
CA PHE A 492 -24.89 -21.70 -27.38
C PHE A 492 -25.28 -22.57 -26.19
N ILE A 493 -24.77 -22.22 -25.01
CA ILE A 493 -25.11 -22.95 -23.79
C ILE A 493 -25.09 -22.04 -22.57
N GLY A 494 -26.16 -22.08 -21.78
CA GLY A 494 -26.24 -21.35 -20.53
C GLY A 494 -26.50 -19.87 -20.69
N VAL A 495 -26.79 -19.43 -21.91
CA VAL A 495 -26.92 -17.98 -22.19
C VAL A 495 -28.32 -17.49 -22.52
N GLU A 496 -29.24 -18.42 -22.74
CA GLU A 496 -30.64 -18.10 -22.99
C GLU A 496 -31.48 -18.82 -21.94
N PHE A 497 -32.39 -18.10 -21.30
CA PHE A 497 -33.13 -18.65 -20.16
C PHE A 497 -34.57 -18.16 -20.10
N ASN A 498 -35.31 -18.68 -19.12
CA ASN A 498 -36.72 -18.34 -18.97
C ASN A 498 -36.93 -16.91 -18.48
N ASP A 499 -38.04 -16.32 -18.91
CA ASP A 499 -38.48 -15.00 -18.46
C ASP A 499 -38.73 -14.91 -16.96
N ILE A 500 -38.33 -13.78 -16.38
CA ILE A 500 -38.81 -13.37 -15.05
C ILE A 500 -39.51 -12.03 -15.26
N ASP A 501 -40.75 -11.92 -14.76
CA ASP A 501 -41.50 -10.69 -14.86
C ASP A 501 -41.16 -9.83 -13.66
N PHE A 502 -40.27 -8.86 -13.86
CA PHE A 502 -39.82 -8.00 -12.76
C PHE A 502 -40.88 -7.02 -12.25
N SER A 503 -41.90 -6.74 -13.05
CA SER A 503 -43.03 -5.95 -12.55
C SER A 503 -43.80 -6.73 -11.47
N LYS A 504 -43.84 -8.05 -11.61
CA LYS A 504 -44.43 -8.93 -10.58
C LYS A 504 -43.52 -9.13 -9.36
N ILE A 505 -42.21 -9.23 -9.59
CA ILE A 505 -41.23 -9.23 -8.50
C ILE A 505 -41.39 -7.95 -7.67
N ALA A 506 -41.45 -6.81 -8.36
CA ALA A 506 -41.66 -5.53 -7.71
C ALA A 506 -42.96 -5.50 -6.91
N ASP A 507 -44.05 -6.00 -7.49
CA ASP A 507 -45.34 -6.09 -6.79
C ASP A 507 -45.20 -6.93 -5.52
N GLY A 508 -44.43 -8.01 -5.61
CA GLY A 508 -44.13 -8.88 -4.47
C GLY A 508 -43.45 -8.18 -3.31
N VAL A 509 -42.57 -7.22 -3.62
CA VAL A 509 -41.88 -6.48 -2.55
C VAL A 509 -42.59 -5.15 -2.25
N HIS A 510 -43.74 -4.95 -2.87
CA HIS A 510 -44.64 -3.80 -2.63
C HIS A 510 -44.08 -2.51 -3.20
N MET A 511 -43.54 -2.63 -4.40
CA MET A 511 -43.03 -1.49 -5.18
C MET A 511 -43.88 -1.34 -6.45
N GLN A 512 -44.31 -0.09 -6.73
CA GLN A 512 -45.01 0.19 -8.00
C GLN A 512 -44.12 -0.15 -9.20
N ALA A 513 -44.72 -0.70 -10.25
CA ALA A 513 -43.93 -1.14 -11.42
C ALA A 513 -44.74 -1.19 -12.70
N PHE A 514 -44.01 -1.25 -13.81
CA PHE A 514 -44.57 -1.35 -15.15
C PHE A 514 -43.77 -2.36 -15.92
N ARG A 515 -44.42 -3.01 -16.89
CA ARG A 515 -43.69 -3.82 -17.86
C ARG A 515 -44.08 -3.33 -19.24
N VAL A 516 -43.08 -3.12 -20.10
CA VAL A 516 -43.29 -2.64 -21.47
C VAL A 516 -42.53 -3.49 -22.47
N ASN A 517 -43.06 -3.62 -23.69
CA ASN A 517 -42.36 -4.37 -24.74
C ASN A 517 -42.41 -3.72 -26.12
N LYS A 518 -42.96 -2.50 -26.19
CA LYS A 518 -43.07 -1.76 -27.44
C LYS A 518 -42.56 -0.33 -27.27
N ILE A 519 -41.85 0.15 -28.29
CA ILE A 519 -41.30 1.51 -28.27
C ILE A 519 -42.36 2.59 -27.95
N GLU A 520 -43.54 2.47 -28.53
CA GLU A 520 -44.60 3.46 -28.33
C GLU A 520 -45.13 3.57 -26.89
N GLN A 521 -44.86 2.55 -26.08
CA GLN A 521 -45.27 2.54 -24.67
C GLN A 521 -44.37 3.38 -23.75
N LEU A 522 -43.16 3.70 -24.20
CA LEU A 522 -42.15 4.32 -23.33
C LEU A 522 -42.52 5.70 -22.74
N PRO A 523 -42.92 6.67 -23.58
CA PRO A 523 -43.13 8.01 -23.01
C PRO A 523 -44.05 8.07 -21.78
N ASP A 524 -45.23 7.45 -21.83
CA ASP A 524 -46.17 7.52 -20.71
C ASP A 524 -45.67 6.81 -19.46
N VAL A 525 -45.04 5.65 -19.66
CA VAL A 525 -44.56 4.86 -18.54
C VAL A 525 -43.41 5.57 -17.84
N PHE A 526 -42.49 6.12 -18.63
CA PHE A 526 -41.39 6.87 -18.05
C PHE A 526 -41.83 8.16 -17.36
N GLU A 527 -42.84 8.84 -17.88
CA GLU A 527 -43.42 10.00 -17.21
C GLU A 527 -44.00 9.63 -15.85
N GLN A 528 -44.76 8.54 -15.82
CA GLN A 528 -45.34 8.06 -14.57
C GLN A 528 -44.25 7.72 -13.57
N ALA A 529 -43.22 7.00 -14.03
CA ALA A 529 -42.09 6.62 -13.16
C ALA A 529 -41.38 7.83 -12.57
N LYS A 530 -41.16 8.85 -13.40
CA LYS A 530 -40.52 10.10 -12.98
C LYS A 530 -41.30 10.72 -11.81
N ALA A 531 -42.63 10.67 -11.92
CA ALA A 531 -43.53 11.25 -10.91
C ALA A 531 -43.56 10.41 -9.64
N ILE A 532 -43.65 9.09 -9.79
CA ILE A 532 -43.66 8.19 -8.65
C ILE A 532 -42.39 8.36 -7.80
N ALA A 533 -41.25 8.46 -8.48
CA ALA A 533 -39.95 8.57 -7.83
C ALA A 533 -39.68 9.92 -7.18
N GLN A 534 -40.69 10.78 -7.14
CA GLN A 534 -40.61 11.95 -6.26
C GLN A 534 -40.76 11.53 -4.80
N HIS A 535 -41.34 10.36 -4.57
CA HIS A 535 -41.67 9.90 -3.22
C HIS A 535 -41.38 8.44 -2.91
N GLU A 536 -41.41 7.57 -3.92
CA GLU A 536 -41.27 6.14 -3.68
C GLU A 536 -40.48 5.48 -4.81
N PRO A 537 -39.85 4.31 -4.54
CA PRO A 537 -39.17 3.62 -5.65
C PRO A 537 -40.14 3.12 -6.71
N VAL A 538 -39.63 2.86 -7.89
CA VAL A 538 -40.44 2.37 -9.00
C VAL A 538 -39.57 1.48 -9.86
N LEU A 539 -40.19 0.54 -10.57
CA LEU A 539 -39.47 -0.35 -11.47
C LEU A 539 -40.13 -0.42 -12.84
N ILE A 540 -39.31 -0.29 -13.87
CA ILE A 540 -39.75 -0.51 -15.24
C ILE A 540 -39.01 -1.73 -15.77
N ASP A 541 -39.78 -2.76 -16.14
CA ASP A 541 -39.25 -3.96 -16.75
C ASP A 541 -39.42 -3.82 -18.24
N ALA A 542 -38.30 -3.58 -18.93
CA ALA A 542 -38.30 -3.35 -20.37
C ALA A 542 -37.91 -4.64 -21.10
N VAL A 543 -38.91 -5.22 -21.77
CA VAL A 543 -38.73 -6.46 -22.53
C VAL A 543 -38.14 -6.06 -23.88
N ILE A 544 -36.86 -6.38 -24.06
CA ILE A 544 -36.11 -5.94 -25.24
C ILE A 544 -35.79 -7.11 -26.17
N THR A 545 -35.46 -6.77 -27.43
CA THR A 545 -35.10 -7.77 -28.43
C THR A 545 -33.75 -8.40 -28.10
N GLY A 546 -33.42 -9.46 -28.82
CA GLY A 546 -32.12 -10.11 -28.70
C GLY A 546 -31.11 -9.56 -29.70
N ASP A 547 -31.34 -8.36 -30.20
CA ASP A 547 -30.39 -7.75 -31.15
C ASP A 547 -29.05 -7.54 -30.46
N ARG A 548 -27.97 -7.90 -31.13
CA ARG A 548 -26.63 -7.63 -30.60
C ARG A 548 -26.24 -6.17 -30.84
N PRO A 549 -25.76 -5.46 -29.81
CA PRO A 549 -25.29 -4.10 -30.09
C PRO A 549 -24.01 -4.11 -30.93
N LEU A 550 -23.87 -3.11 -31.79
CA LEU A 550 -22.71 -2.99 -32.67
C LEU A 550 -21.40 -3.22 -31.90
N PRO A 551 -20.59 -4.21 -32.33
CA PRO A 551 -19.29 -4.46 -31.73
C PRO A 551 -18.22 -3.51 -32.26
N ALA A 552 -17.89 -2.51 -31.46
CA ALA A 552 -16.91 -1.49 -31.87
C ALA A 552 -15.51 -2.06 -32.09
N GLU A 553 -15.26 -3.23 -31.50
CA GLU A 553 -13.99 -3.93 -31.59
C GLU A 553 -13.95 -4.91 -32.79
N LYS A 554 -15.08 -5.03 -33.49
CA LYS A 554 -15.17 -5.94 -34.64
C LYS A 554 -15.88 -5.24 -35.80
N LEU A 555 -15.38 -4.06 -36.16
CA LEU A 555 -15.96 -3.27 -37.24
C LEU A 555 -15.78 -3.94 -38.59
N ARG A 556 -16.82 -3.95 -39.41
CA ARG A 556 -16.68 -4.42 -40.80
C ARG A 556 -17.24 -3.33 -41.71
N LEU A 557 -16.43 -2.30 -41.97
CA LEU A 557 -16.89 -1.11 -42.69
C LEU A 557 -15.92 -0.61 -43.76
N ASP A 558 -14.66 -1.00 -43.63
CA ASP A 558 -13.60 -0.52 -44.52
C ASP A 558 -13.31 -1.59 -45.58
N SER A 559 -13.54 -1.23 -46.84
CA SER A 559 -13.35 -2.15 -47.97
C SER A 559 -11.89 -2.59 -48.17
N ALA A 560 -10.95 -1.84 -47.60
CA ALA A 560 -9.53 -2.19 -47.68
C ALA A 560 -9.13 -3.22 -46.63
N MET A 561 -10.09 -3.57 -45.75
CA MET A 561 -9.81 -4.44 -44.62
C MET A 561 -10.82 -5.59 -44.50
N SER A 562 -11.99 -5.42 -45.10
CA SER A 562 -13.07 -6.42 -45.00
C SER A 562 -13.69 -6.68 -46.37
N SER A 563 -14.21 -7.90 -46.56
CA SER A 563 -14.89 -8.26 -47.80
C SER A 563 -16.20 -7.48 -47.95
N ALA A 564 -16.63 -7.28 -49.20
CA ALA A 564 -17.90 -6.59 -49.47
C ALA A 564 -19.07 -7.31 -48.80
N ALA A 565 -19.01 -8.63 -48.78
CA ALA A 565 -20.02 -9.47 -48.12
C ALA A 565 -20.08 -9.32 -46.59
N ASP A 566 -18.93 -9.27 -45.94
CA ASP A 566 -18.88 -9.07 -44.48
C ASP A 566 -19.37 -7.68 -44.11
N ILE A 567 -19.02 -6.70 -44.93
CA ILE A 567 -19.46 -5.32 -44.72
C ILE A 567 -20.98 -5.19 -44.77
N GLU A 568 -21.60 -5.77 -45.81
CA GLU A 568 -23.06 -5.62 -45.93
C GLU A 568 -23.83 -6.42 -44.87
N ALA A 569 -23.28 -7.58 -44.47
CA ALA A 569 -23.85 -8.34 -43.35
C ALA A 569 -23.81 -7.56 -42.03
N PHE A 570 -22.70 -6.86 -41.81
CA PHE A 570 -22.52 -6.02 -40.61
C PHE A 570 -23.48 -4.81 -40.60
N LYS A 571 -23.55 -4.08 -41.72
CA LYS A 571 -24.55 -3.02 -41.86
C LYS A 571 -25.98 -3.47 -41.61
N GLN A 572 -26.35 -4.66 -42.11
CA GLN A 572 -27.71 -5.12 -42.04
C GLN A 572 -28.02 -5.47 -40.59
N ARG A 573 -27.09 -6.16 -39.95
CA ARG A 573 -27.33 -6.67 -38.61
C ARG A 573 -27.43 -5.54 -37.59
N TYR A 574 -26.57 -4.52 -37.76
CA TYR A 574 -26.45 -3.43 -36.79
C TYR A 574 -27.14 -2.14 -37.21
N GLU A 575 -27.91 -2.21 -38.31
CA GLU A 575 -28.66 -1.05 -38.80
C GLU A 575 -27.69 0.11 -39.04
N ALA A 576 -26.53 -0.24 -39.61
CA ALA A 576 -25.39 0.67 -39.70
C ALA A 576 -25.08 1.09 -41.13
N GLN A 577 -26.12 1.10 -41.97
CA GLN A 577 -25.98 1.48 -43.38
C GLN A 577 -25.31 2.84 -43.58
N ASP A 578 -25.52 3.75 -42.63
CA ASP A 578 -25.00 5.11 -42.77
C ASP A 578 -23.67 5.38 -42.07
N LEU A 579 -23.11 4.36 -41.42
CA LEU A 579 -21.78 4.49 -40.83
C LEU A 579 -20.67 4.46 -41.87
N GLN A 580 -19.71 5.36 -41.71
CA GLN A 580 -18.52 5.38 -42.54
C GLN A 580 -17.32 5.02 -41.69
N PRO A 581 -16.34 4.29 -42.26
CA PRO A 581 -15.10 4.04 -41.54
C PRO A 581 -14.28 5.32 -41.39
N LEU A 582 -13.47 5.42 -40.35
CA LEU A 582 -12.59 6.59 -40.17
C LEU A 582 -11.76 6.89 -41.43
N SER A 583 -11.33 5.84 -42.13
CA SER A 583 -10.53 6.01 -43.35
C SER A 583 -11.19 6.94 -44.37
N THR A 584 -12.52 6.94 -44.44
CA THR A 584 -13.25 7.83 -45.35
C THR A 584 -12.89 9.28 -45.06
N TYR A 585 -12.90 9.61 -43.77
CA TYR A 585 -12.66 10.98 -43.33
C TYR A 585 -11.18 11.36 -43.37
N LEU A 586 -10.31 10.40 -43.04
CA LEU A 586 -8.88 10.60 -43.21
C LEU A 586 -8.58 10.96 -44.67
N LYS A 587 -9.18 10.22 -45.60
CA LYS A 587 -8.93 10.47 -47.03
C LYS A 587 -9.47 11.82 -47.49
N GLN A 588 -10.64 12.21 -46.99
CA GLN A 588 -11.19 13.53 -47.31
C GLN A 588 -10.20 14.65 -47.00
N PHE A 589 -9.49 14.50 -45.89
CA PHE A 589 -8.58 15.55 -45.41
C PHE A 589 -7.11 15.31 -45.76
N GLY A 590 -6.88 14.35 -46.66
CA GLY A 590 -5.57 14.15 -47.27
C GLY A 590 -4.60 13.29 -46.50
N LEU A 591 -5.10 12.52 -45.55
CA LEU A 591 -4.28 11.60 -44.76
C LEU A 591 -4.54 10.16 -45.19
N ASP A 592 -3.51 9.33 -45.18
CA ASP A 592 -3.71 7.89 -45.45
C ASP A 592 -4.02 7.12 -44.18
N ASP A 593 -4.66 5.98 -44.34
CA ASP A 593 -4.88 5.04 -43.25
C ASP A 593 -3.59 4.26 -43.02
N THR B 9 16.33 -11.01 -33.25
CA THR B 9 14.93 -11.45 -33.59
C THR B 9 14.22 -12.09 -32.39
N ASN B 10 14.83 -13.12 -31.80
CA ASN B 10 14.36 -13.72 -30.54
C ASN B 10 15.38 -13.55 -29.43
N ILE B 11 14.89 -13.68 -28.20
CA ILE B 11 15.74 -13.64 -27.01
C ILE B 11 15.18 -14.69 -26.04
N LEU B 12 16.04 -15.33 -25.29
CA LEU B 12 15.56 -16.24 -24.24
C LEU B 12 14.86 -15.41 -23.18
N ALA B 13 13.70 -15.88 -22.71
CA ALA B 13 12.96 -15.13 -21.68
C ALA B 13 13.82 -14.87 -20.44
N GLY B 14 14.64 -15.86 -20.06
CA GLY B 14 15.60 -15.70 -18.95
C GLY B 14 16.56 -14.55 -19.16
N ALA B 15 17.12 -14.45 -20.36
CA ALA B 15 17.99 -13.33 -20.72
C ALA B 15 17.29 -11.98 -20.60
N ALA B 16 16.04 -11.90 -21.05
CA ALA B 16 15.27 -10.66 -20.91
C ALA B 16 15.02 -10.30 -19.45
N VAL B 17 14.79 -11.32 -18.62
CA VAL B 17 14.60 -11.09 -17.18
C VAL B 17 15.84 -10.46 -16.57
N ILE B 18 17.02 -10.98 -16.91
CA ILE B 18 18.25 -10.42 -16.35
C ILE B 18 18.46 -8.98 -16.84
N LYS B 19 18.09 -8.71 -18.10
CA LYS B 19 18.13 -7.34 -18.64
C LYS B 19 17.16 -6.38 -17.92
N VAL B 20 16.02 -6.91 -17.47
CA VAL B 20 15.12 -6.09 -16.64
C VAL B 20 15.80 -5.72 -15.32
N LEU B 21 16.46 -6.69 -14.69
CA LEU B 21 17.21 -6.40 -13.45
C LEU B 21 18.30 -5.36 -13.68
N GLU B 22 19.00 -5.48 -14.80
CA GLU B 22 20.08 -4.55 -15.12
C GLU B 22 19.54 -3.15 -15.38
N ALA B 23 18.39 -3.06 -16.04
CA ALA B 23 17.75 -1.76 -16.32
C ALA B 23 17.41 -1.00 -15.04
N TRP B 24 16.98 -1.76 -14.02
CA TRP B 24 16.66 -1.18 -12.72
C TRP B 24 17.91 -0.98 -11.85
N GLY B 25 19.08 -1.29 -12.39
CA GLY B 25 20.33 -0.99 -11.69
C GLY B 25 20.71 -1.95 -10.60
N VAL B 26 20.19 -3.17 -10.64
CA VAL B 26 20.55 -4.17 -9.64
C VAL B 26 22.00 -4.60 -9.85
N ASP B 27 22.87 -4.28 -8.89
CA ASP B 27 24.30 -4.58 -8.99
C ASP B 27 24.62 -6.04 -8.64
N HIS B 28 23.96 -6.55 -7.60
CA HIS B 28 24.24 -7.89 -7.12
C HIS B 28 22.98 -8.54 -6.55
N LEU B 29 22.98 -9.87 -6.53
CA LEU B 29 21.84 -10.62 -6.00
C LEU B 29 22.34 -11.92 -5.41
N TYR B 30 21.51 -12.53 -4.55
CA TYR B 30 21.95 -13.66 -3.72
C TYR B 30 21.07 -14.88 -3.91
N GLY B 31 21.68 -16.06 -3.83
CA GLY B 31 20.92 -17.29 -3.77
C GLY B 31 21.77 -18.53 -3.88
N ILE B 32 21.08 -19.67 -3.94
CA ILE B 32 21.69 -20.97 -4.09
C ILE B 32 20.94 -21.66 -5.23
N PRO B 33 21.68 -22.24 -6.19
CA PRO B 33 21.04 -22.84 -7.35
C PRO B 33 20.30 -24.16 -7.02
N GLY B 34 19.47 -24.60 -7.94
CA GLY B 34 18.82 -25.90 -7.86
C GLY B 34 18.21 -26.17 -9.23
N GLY B 35 17.82 -27.41 -9.47
CA GLY B 35 17.22 -27.79 -10.76
C GLY B 35 16.06 -26.91 -11.14
N SER B 36 15.24 -26.54 -10.16
CA SER B 36 14.03 -25.75 -10.39
C SER B 36 14.28 -24.28 -10.69
N ILE B 37 15.54 -23.85 -10.59
CA ILE B 37 15.90 -22.46 -10.90
C ILE B 37 17.14 -22.38 -11.80
N ASN B 38 17.49 -23.51 -12.42
CA ASN B 38 18.70 -23.54 -13.24
C ASN B 38 18.62 -22.73 -14.53
N SER B 39 17.42 -22.41 -14.99
CA SER B 39 17.30 -21.62 -16.21
C SER B 39 17.55 -20.13 -15.94
N ILE B 40 17.20 -19.66 -14.75
CA ILE B 40 17.58 -18.31 -14.32
C ILE B 40 19.10 -18.27 -14.07
N MET B 41 19.62 -19.32 -13.44
CA MET B 41 21.08 -19.45 -13.26
C MET B 41 21.78 -19.36 -14.61
N ASP B 42 21.23 -20.03 -15.62
CA ASP B 42 21.83 -20.05 -16.95
C ASP B 42 21.94 -18.64 -17.53
N ALA B 43 20.87 -17.85 -17.36
CA ALA B 43 20.87 -16.45 -17.83
C ALA B 43 21.86 -15.58 -17.05
N LEU B 44 21.95 -15.78 -15.73
CA LEU B 44 22.93 -15.08 -14.90
C LEU B 44 24.36 -15.38 -15.35
N SER B 45 24.60 -16.64 -15.70
CA SER B 45 25.93 -17.10 -16.09
C SER B 45 26.46 -16.34 -17.31
N ALA B 46 25.58 -15.97 -18.23
CA ALA B 46 25.95 -15.22 -19.44
C ALA B 46 26.17 -13.71 -19.19
N GLU B 47 25.74 -13.24 -18.01
CA GLU B 47 25.72 -11.81 -17.69
C GLU B 47 26.62 -11.43 -16.51
N ARG B 48 27.72 -12.15 -16.32
CA ARG B 48 28.61 -11.92 -15.16
C ARG B 48 29.31 -10.57 -15.15
N ASP B 49 29.46 -9.95 -16.33
CA ASP B 49 30.09 -8.63 -16.41
C ASP B 49 29.18 -7.54 -15.86
N ARG B 50 27.87 -7.70 -16.02
CA ARG B 50 26.92 -6.62 -15.72
C ARG B 50 26.10 -6.80 -14.44
N ILE B 51 26.02 -8.04 -13.94
CA ILE B 51 25.29 -8.30 -12.69
C ILE B 51 26.06 -9.36 -11.90
N HIS B 52 26.17 -9.15 -10.59
CA HIS B 52 27.07 -9.96 -9.78
C HIS B 52 26.32 -10.88 -8.85
N TYR B 53 26.35 -12.15 -9.21
CA TYR B 53 25.70 -13.18 -8.41
C TYR B 53 26.56 -13.57 -7.21
N ILE B 54 25.94 -13.54 -6.04
CA ILE B 54 26.59 -13.92 -4.80
C ILE B 54 25.98 -15.23 -4.31
N GLN B 55 26.76 -16.30 -4.38
CA GLN B 55 26.33 -17.61 -3.87
C GLN B 55 26.53 -17.66 -2.36
N VAL B 56 25.41 -17.68 -1.63
CA VAL B 56 25.43 -17.79 -0.16
C VAL B 56 25.42 -19.28 0.27
N ARG B 57 25.60 -19.53 1.57
CA ARG B 57 25.61 -20.92 2.06
C ARG B 57 24.28 -21.34 2.68
N HIS B 58 23.40 -20.38 2.90
CA HIS B 58 22.03 -20.65 3.39
C HIS B 58 21.15 -19.55 2.83
N GLU B 59 20.01 -19.91 2.24
CA GLU B 59 19.19 -18.90 1.54
C GLU B 59 18.67 -17.77 2.45
N GLU B 60 18.53 -18.03 3.75
CA GLU B 60 18.09 -16.95 4.64
C GLU B 60 19.10 -15.79 4.65
N VAL B 61 20.38 -16.12 4.50
CA VAL B 61 21.43 -15.09 4.46
C VAL B 61 21.27 -14.23 3.20
N GLY B 62 20.93 -14.86 2.08
CA GLY B 62 20.64 -14.14 0.84
C GLY B 62 19.48 -13.18 0.99
N ALA B 63 18.39 -13.66 1.61
CA ALA B 63 17.22 -12.82 1.84
C ALA B 63 17.52 -11.67 2.80
N MET B 64 18.24 -11.97 3.88
CA MET B 64 18.61 -10.95 4.85
C MET B 64 19.54 -9.91 4.21
N ALA B 65 20.45 -10.38 3.36
CA ALA B 65 21.38 -9.45 2.70
C ALA B 65 20.66 -8.54 1.71
N ALA B 66 19.68 -9.10 0.99
CA ALA B 66 18.87 -8.31 0.06
C ALA B 66 18.09 -7.24 0.80
N ALA B 67 17.49 -7.60 1.94
CA ALA B 67 16.83 -6.63 2.81
C ALA B 67 17.81 -5.52 3.23
N ALA B 68 19.00 -5.93 3.68
CA ALA B 68 20.06 -4.98 4.07
C ALA B 68 20.52 -4.05 2.93
N ASP B 69 20.63 -4.59 1.71
CA ASP B 69 20.95 -3.76 0.53
C ASP B 69 19.98 -2.58 0.48
N ALA B 70 18.69 -2.88 0.58
CA ALA B 70 17.65 -1.86 0.48
C ALA B 70 17.64 -0.89 1.68
N LYS B 71 17.89 -1.42 2.88
CA LYS B 71 18.04 -0.57 4.07
C LYS B 71 19.16 0.44 3.88
N LEU B 72 20.25 0.00 3.27
CA LEU B 72 21.45 0.84 3.14
C LEU B 72 21.34 1.85 2.01
N THR B 73 20.87 1.39 0.85
CA THR B 73 20.99 2.19 -0.39
C THR B 73 19.66 2.76 -0.87
N GLY B 74 18.56 2.19 -0.40
CA GLY B 74 17.24 2.57 -0.88
C GLY B 74 16.89 1.94 -2.21
N LYS B 75 17.80 1.13 -2.75
CA LYS B 75 17.56 0.42 -3.99
C LYS B 75 17.11 -1.01 -3.69
N ILE B 76 16.22 -1.53 -4.52
CA ILE B 76 15.64 -2.84 -4.30
C ILE B 76 16.73 -3.92 -4.13
N GLY B 77 16.57 -4.76 -3.12
CA GLY B 77 17.43 -5.93 -2.95
C GLY B 77 16.82 -7.12 -3.66
N VAL B 78 17.68 -8.03 -4.13
CA VAL B 78 17.22 -9.18 -4.91
C VAL B 78 17.83 -10.47 -4.40
N CYS B 79 16.97 -11.46 -4.15
CA CYS B 79 17.39 -12.79 -3.73
C CYS B 79 16.55 -13.85 -4.42
N PHE B 80 17.01 -15.10 -4.33
CA PHE B 80 16.23 -16.20 -4.87
C PHE B 80 16.46 -17.48 -4.08
N GLY B 81 15.53 -18.42 -4.25
CA GLY B 81 15.66 -19.75 -3.68
C GLY B 81 15.02 -20.75 -4.61
N SER B 82 15.57 -21.97 -4.62
CA SER B 82 15.03 -23.05 -5.43
C SER B 82 13.66 -23.49 -4.89
N ALA B 83 12.92 -24.25 -5.69
CA ALA B 83 11.59 -24.73 -5.31
C ALA B 83 11.57 -25.38 -3.95
N GLY B 84 10.48 -25.22 -3.22
CA GLY B 84 10.35 -25.88 -1.93
C GLY B 84 11.29 -25.27 -0.92
N PRO B 85 12.25 -26.07 -0.42
CA PRO B 85 13.12 -25.67 0.70
C PRO B 85 14.06 -24.49 0.45
N GLY B 86 14.42 -24.23 -0.82
CA GLY B 86 15.26 -23.07 -1.12
C GLY B 86 14.49 -21.80 -0.79
N GLY B 87 13.26 -21.73 -1.29
CA GLY B 87 12.37 -20.59 -1.08
C GLY B 87 11.96 -20.42 0.38
N THR B 88 11.57 -21.52 1.03
CA THR B 88 11.10 -21.39 2.42
C THR B 88 12.22 -20.92 3.34
N HIS B 89 13.47 -21.23 2.99
CA HIS B 89 14.62 -20.69 3.73
C HIS B 89 14.72 -19.15 3.68
N LEU B 90 14.12 -18.53 2.66
CA LEU B 90 14.18 -17.06 2.56
C LEU B 90 13.40 -16.34 3.64
N MET B 91 12.49 -17.05 4.30
CA MET B 91 11.45 -16.40 5.09
C MET B 91 11.91 -15.37 6.11
N ASN B 92 12.93 -15.68 6.91
CA ASN B 92 13.33 -14.69 7.92
C ASN B 92 13.80 -13.37 7.34
N GLY B 93 14.43 -13.44 6.17
CA GLY B 93 14.83 -12.21 5.49
C GLY B 93 13.66 -11.48 4.85
N LEU B 94 12.71 -12.23 4.30
CA LEU B 94 11.55 -11.64 3.65
C LEU B 94 10.66 -10.93 4.66
N TYR B 95 10.42 -11.59 5.79
CA TYR B 95 9.68 -10.92 6.88
C TYR B 95 10.40 -9.69 7.41
N ASP B 96 11.73 -9.76 7.49
CA ASP B 96 12.52 -8.60 7.91
C ASP B 96 12.27 -7.44 6.94
N ALA B 97 12.27 -7.74 5.64
CA ALA B 97 12.04 -6.69 4.65
C ALA B 97 10.60 -6.13 4.75
N ARG B 98 9.64 -7.00 4.96
CA ARG B 98 8.26 -6.53 5.13
C ARG B 98 8.12 -5.60 6.32
N GLU B 99 8.63 -6.04 7.45
CA GLU B 99 8.46 -5.28 8.70
C GLU B 99 9.26 -3.99 8.76
N ASP B 100 10.44 -4.00 8.12
CA ASP B 100 11.29 -2.81 8.03
C ASP B 100 10.98 -2.01 6.75
N HIS B 101 9.93 -2.44 6.06
CA HIS B 101 9.37 -1.73 4.90
C HIS B 101 10.43 -1.26 3.88
N VAL B 102 11.20 -2.22 3.41
CA VAL B 102 12.17 -1.97 2.35
C VAL B 102 11.87 -2.85 1.13
N PRO B 103 12.17 -2.34 -0.08
CA PRO B 103 11.85 -3.08 -1.29
C PRO B 103 12.78 -4.28 -1.54
N VAL B 104 12.18 -5.46 -1.69
CA VAL B 104 12.92 -6.69 -2.01
C VAL B 104 12.16 -7.49 -3.04
N LEU B 105 12.89 -8.01 -4.03
CA LEU B 105 12.38 -8.95 -5.02
C LEU B 105 12.92 -10.33 -4.69
N ALA B 106 12.00 -11.29 -4.56
CA ALA B 106 12.38 -12.68 -4.34
C ALA B 106 11.89 -13.55 -5.48
N LEU B 107 12.82 -14.25 -6.13
CA LEU B 107 12.46 -15.22 -7.17
C LEU B 107 12.48 -16.62 -6.57
N ILE B 108 11.40 -17.36 -6.82
CA ILE B 108 11.26 -18.73 -6.30
C ILE B 108 11.23 -19.73 -7.44
N GLY B 109 12.11 -20.72 -7.40
CA GLY B 109 12.09 -21.79 -8.37
C GLY B 109 10.78 -22.55 -8.32
N GLN B 110 10.42 -23.13 -9.45
CA GLN B 110 9.27 -24.03 -9.52
C GLN B 110 9.57 -25.01 -10.65
N PHE B 111 8.99 -26.19 -10.56
CA PHE B 111 9.18 -27.13 -11.64
C PHE B 111 8.40 -26.71 -12.89
N GLY B 112 8.77 -27.32 -14.02
CA GLY B 112 8.23 -26.90 -15.31
C GLY B 112 6.72 -27.01 -15.38
N THR B 113 6.10 -26.21 -16.24
CA THR B 113 4.64 -26.20 -16.39
C THR B 113 4.07 -27.57 -16.77
N THR B 114 4.88 -28.43 -17.40
CA THR B 114 4.42 -29.78 -17.79
C THR B 114 4.32 -30.75 -16.59
N GLY B 115 5.01 -30.40 -15.50
CA GLY B 115 5.05 -31.23 -14.28
C GLY B 115 4.34 -30.65 -13.07
N MET B 116 3.98 -29.37 -13.13
CA MET B 116 3.21 -28.75 -12.06
C MET B 116 1.88 -29.48 -11.84
N ASN B 117 1.50 -29.60 -10.58
CA ASN B 117 0.26 -30.28 -10.18
C ASN B 117 0.21 -31.77 -10.50
N MET B 118 1.39 -32.37 -10.73
CA MET B 118 1.51 -33.82 -10.89
C MET B 118 1.93 -34.54 -9.61
N ASP B 119 2.15 -33.77 -8.55
CA ASP B 119 2.68 -34.29 -7.29
C ASP B 119 4.01 -34.99 -7.57
N THR B 120 4.89 -34.26 -8.26
CA THR B 120 6.22 -34.78 -8.53
C THR B 120 7.21 -34.33 -7.44
N PHE B 121 8.49 -34.65 -7.64
CA PHE B 121 9.52 -34.39 -6.65
C PHE B 121 9.61 -32.92 -6.34
N GLN B 122 9.52 -32.58 -5.04
CA GLN B 122 9.69 -31.21 -4.55
C GLN B 122 8.74 -30.23 -5.24
N GLU B 123 7.61 -30.75 -5.69
CA GLU B 123 6.64 -29.96 -6.44
C GLU B 123 5.39 -29.78 -5.60
N MET B 124 5.00 -28.53 -5.42
CA MET B 124 3.84 -28.18 -4.63
C MET B 124 3.31 -26.87 -5.17
N ASN B 125 2.09 -26.51 -4.74
CA ASN B 125 1.57 -25.19 -5.02
C ASN B 125 2.32 -24.20 -4.14
N GLU B 126 3.22 -23.44 -4.75
CA GLU B 126 4.06 -22.55 -3.95
C GLU B 126 3.44 -21.20 -3.64
N ASN B 127 2.38 -20.84 -4.35
CA ASN B 127 1.81 -19.50 -4.19
C ASN B 127 1.30 -19.18 -2.76
N PRO B 128 0.57 -20.12 -2.12
CA PRO B 128 0.13 -19.83 -0.72
C PRO B 128 1.26 -19.64 0.29
N ILE B 129 2.46 -20.14 -0.02
CA ILE B 129 3.59 -20.04 0.92
C ILE B 129 3.95 -18.57 1.20
N TYR B 130 3.85 -17.74 0.16
CA TYR B 130 4.32 -16.34 0.19
C TYR B 130 3.23 -15.30 0.30
N ALA B 131 1.97 -15.75 0.40
CA ALA B 131 0.83 -14.82 0.41
C ALA B 131 0.86 -13.82 1.57
N ASP B 132 1.30 -14.28 2.74
CA ASP B 132 1.29 -13.38 3.90
C ASP B 132 2.43 -12.35 3.88
N VAL B 133 3.62 -12.78 3.47
CA VAL B 133 4.79 -11.90 3.56
C VAL B 133 4.82 -10.85 2.44
N ALA B 134 4.20 -11.18 1.31
CA ALA B 134 4.41 -10.44 0.07
C ALA B 134 3.34 -9.39 -0.23
N ASP B 135 3.77 -8.23 -0.71
CA ASP B 135 2.88 -7.24 -1.28
C ASP B 135 2.36 -7.70 -2.64
N TYR B 136 3.20 -8.42 -3.38
CA TYR B 136 2.87 -8.92 -4.72
C TYR B 136 3.39 -10.35 -4.78
N ASN B 137 2.53 -11.26 -5.22
CA ASN B 137 2.82 -12.69 -5.07
C ASN B 137 2.18 -13.49 -6.18
N VAL B 138 2.96 -13.81 -7.21
CA VAL B 138 2.38 -14.45 -8.40
C VAL B 138 3.25 -15.58 -8.92
N THR B 139 2.58 -16.57 -9.53
CA THR B 139 3.28 -17.63 -10.25
C THR B 139 3.21 -17.29 -11.74
N ALA B 140 4.37 -17.13 -12.38
CA ALA B 140 4.40 -16.87 -13.82
C ALA B 140 3.95 -18.12 -14.58
N VAL B 141 3.20 -17.90 -15.65
CA VAL B 141 2.67 -19.03 -16.44
C VAL B 141 2.89 -18.90 -17.97
N ASN B 142 3.66 -17.88 -18.36
CA ASN B 142 3.91 -17.58 -19.76
C ASN B 142 5.31 -16.97 -19.90
N ALA B 143 6.03 -17.37 -20.95
CA ALA B 143 7.39 -16.83 -21.13
C ALA B 143 7.39 -15.39 -21.65
N ALA B 144 6.54 -15.09 -22.62
CA ALA B 144 6.53 -13.77 -23.26
C ALA B 144 6.19 -12.63 -22.29
N THR B 145 5.37 -12.93 -21.28
CA THR B 145 5.02 -11.90 -20.29
C THR B 145 5.93 -11.92 -19.06
N LEU B 146 6.87 -12.87 -19.01
CA LEU B 146 7.73 -13.00 -17.82
C LEU B 146 8.55 -11.73 -17.50
N PRO B 147 9.20 -11.12 -18.52
CA PRO B 147 9.89 -9.85 -18.24
C PRO B 147 8.95 -8.80 -17.65
N HIS B 148 7.73 -8.69 -18.16
CA HIS B 148 6.76 -7.74 -17.60
C HIS B 148 6.43 -8.07 -16.14
N VAL B 149 6.22 -9.34 -15.84
CA VAL B 149 5.89 -9.75 -14.47
C VAL B 149 7.04 -9.38 -13.51
N ILE B 150 8.27 -9.58 -13.94
CA ILE B 150 9.41 -9.17 -13.12
C ILE B 150 9.47 -7.63 -12.95
N ASP B 151 9.26 -6.92 -14.06
CA ASP B 151 9.21 -5.45 -14.02
C ASP B 151 8.10 -4.94 -13.07
N GLU B 152 6.93 -5.59 -13.14
CA GLU B 152 5.79 -5.25 -12.30
C GLU B 152 6.13 -5.47 -10.82
N ALA B 153 6.76 -6.61 -10.56
CA ALA B 153 7.19 -6.97 -9.20
C ALA B 153 8.12 -5.90 -8.61
N ILE B 154 9.12 -5.48 -9.41
CA ILE B 154 10.05 -4.44 -8.96
C ILE B 154 9.37 -3.10 -8.70
N ARG B 155 8.53 -2.70 -9.64
CA ARG B 155 7.84 -1.41 -9.56
C ARG B 155 6.90 -1.36 -8.34
N ARG B 156 6.25 -2.48 -8.05
CA ARG B 156 5.38 -2.60 -6.89
C ARG B 156 6.15 -2.64 -5.57
N ALA B 157 7.26 -3.37 -5.54
CA ALA B 157 8.11 -3.44 -4.34
C ALA B 157 8.59 -2.05 -3.93
N TYR B 158 9.00 -1.26 -4.91
CA TYR B 158 9.41 0.13 -4.66
C TYR B 158 8.23 0.99 -4.19
N ALA B 159 7.13 0.97 -4.96
CA ALA B 159 5.96 1.81 -4.67
C ALA B 159 5.36 1.53 -3.29
N HIS B 160 5.37 0.25 -2.90
CA HIS B 160 4.68 -0.18 -1.68
C HIS B 160 5.66 -0.48 -0.55
N GLN B 161 6.97 -0.29 -0.84
CA GLN B 161 8.03 -0.48 0.16
C GLN B 161 7.92 -1.81 0.88
N GLY B 162 8.00 -2.88 0.09
CA GLY B 162 7.90 -4.23 0.65
C GLY B 162 8.36 -5.28 -0.33
N VAL B 163 7.88 -6.51 -0.08
CA VAL B 163 8.38 -7.70 -0.76
C VAL B 163 7.51 -8.10 -1.95
N ALA B 164 8.14 -8.33 -3.10
CA ALA B 164 7.46 -8.89 -4.25
C ALA B 164 8.06 -10.25 -4.52
N VAL B 165 7.20 -11.26 -4.67
CA VAL B 165 7.63 -12.64 -4.88
C VAL B 165 7.07 -13.13 -6.21
N VAL B 166 7.94 -13.73 -7.02
CA VAL B 166 7.51 -14.34 -8.28
C VAL B 166 8.01 -15.79 -8.32
N GLN B 167 7.07 -16.73 -8.40
CA GLN B 167 7.41 -18.15 -8.59
C GLN B 167 7.55 -18.40 -10.09
N ILE B 168 8.70 -18.95 -10.50
CA ILE B 168 9.01 -19.13 -11.93
C ILE B 168 9.16 -20.62 -12.33
N PRO B 169 8.17 -21.17 -13.07
CA PRO B 169 8.34 -22.54 -13.62
C PRO B 169 9.58 -22.58 -14.49
N VAL B 170 10.42 -23.58 -14.25
CA VAL B 170 11.79 -23.58 -14.79
C VAL B 170 11.84 -23.63 -16.32
N ASP B 171 10.77 -24.11 -16.96
CA ASP B 171 10.76 -24.14 -18.42
C ASP B 171 10.68 -22.75 -19.06
N LEU B 172 10.06 -21.79 -18.38
CA LEU B 172 9.77 -20.52 -19.02
C LEU B 172 11.02 -19.73 -19.43
N PRO B 173 12.01 -19.60 -18.52
CA PRO B 173 13.21 -18.83 -18.91
C PRO B 173 14.07 -19.42 -20.04
N TRP B 174 13.84 -20.67 -20.41
CA TRP B 174 14.55 -21.26 -21.57
C TRP B 174 13.77 -21.14 -22.88
N GLN B 175 12.56 -20.58 -22.82
CA GLN B 175 11.77 -20.38 -24.03
C GLN B 175 12.17 -19.10 -24.75
N GLN B 176 12.25 -19.17 -26.08
CA GLN B 176 12.48 -18.00 -26.90
C GLN B 176 11.23 -17.12 -26.94
N ILE B 177 11.44 -15.80 -26.87
CA ILE B 177 10.38 -14.80 -27.02
C ILE B 177 10.86 -13.71 -28.00
N PRO B 178 9.92 -12.95 -28.61
CA PRO B 178 10.35 -11.93 -29.59
C PRO B 178 11.25 -10.90 -28.93
N ALA B 179 12.35 -10.55 -29.59
CA ALA B 179 13.39 -9.70 -28.99
C ALA B 179 12.93 -8.26 -28.77
N GLU B 180 11.95 -7.83 -29.57
CA GLU B 180 11.55 -6.43 -29.63
C GLU B 180 10.35 -6.08 -28.74
N ASP B 181 9.75 -7.07 -28.11
CA ASP B 181 8.51 -6.85 -27.35
C ASP B 181 8.72 -6.40 -25.89
N TRP B 182 9.58 -7.11 -25.16
CA TRP B 182 9.75 -6.85 -23.72
C TRP B 182 10.34 -5.46 -23.47
N TYR B 183 10.06 -4.89 -22.30
CA TYR B 183 10.73 -3.67 -21.87
C TYR B 183 10.79 -3.61 -20.34
N ALA B 184 11.60 -2.68 -19.83
CA ALA B 184 11.61 -2.35 -18.40
C ALA B 184 11.09 -0.93 -18.23
N SER B 185 10.45 -0.67 -17.09
CA SER B 185 9.93 0.67 -16.80
C SER B 185 10.81 1.46 -15.82
N ALA B 186 12.05 1.02 -15.65
CA ALA B 186 13.04 1.72 -14.81
C ALA B 186 13.21 3.18 -15.25
N ASN B 187 13.11 3.42 -16.56
CA ASN B 187 13.25 4.78 -17.08
C ASN B 187 12.18 5.77 -16.59
N SER B 188 11.02 5.24 -16.18
CA SER B 188 9.91 6.06 -15.66
C SER B 188 10.05 6.39 -14.18
N TYR B 189 10.93 5.68 -13.49
CA TYR B 189 11.04 5.80 -12.03
C TYR B 189 11.51 7.18 -11.59
N GLN B 190 10.82 7.73 -10.59
CA GLN B 190 11.15 9.04 -10.04
C GLN B 190 10.59 9.18 -8.63
N THR B 191 11.10 10.19 -7.91
CA THR B 191 10.56 10.51 -6.59
C THR B 191 9.68 11.76 -6.70
N PRO B 192 8.62 11.84 -5.89
CA PRO B 192 7.66 12.95 -6.02
C PRO B 192 8.17 14.29 -5.51
N LEU B 193 7.70 15.36 -6.16
CA LEU B 193 7.90 16.73 -5.71
C LEU B 193 6.70 17.13 -4.84
N LEU B 194 6.96 17.44 -3.57
CA LEU B 194 5.87 17.72 -2.63
C LEU B 194 5.56 19.20 -2.46
N PRO B 195 4.30 19.54 -2.10
CA PRO B 195 4.01 20.94 -1.81
C PRO B 195 4.68 21.32 -0.51
N GLU B 196 4.75 22.62 -0.21
CA GLU B 196 5.37 23.00 1.04
C GLU B 196 4.49 22.57 2.22
N PRO B 197 5.11 22.29 3.38
CA PRO B 197 4.36 21.89 4.57
C PRO B 197 3.22 22.86 4.88
N ASP B 198 2.09 22.29 5.27
CA ASP B 198 0.89 23.04 5.55
C ASP B 198 1.16 24.22 6.49
N VAL B 199 1.11 25.42 5.96
CA VAL B 199 1.57 26.63 6.67
C VAL B 199 0.86 26.90 8.00
N GLN B 200 -0.46 26.88 7.97
CA GLN B 200 -1.22 27.22 9.19
C GLN B 200 -1.16 26.12 10.25
N ALA B 201 -1.06 24.87 9.83
CA ALA B 201 -0.91 23.76 10.78
C ALA B 201 0.48 23.79 11.43
N VAL B 202 1.50 24.12 10.64
CA VAL B 202 2.87 24.18 11.15
C VAL B 202 3.05 25.34 12.14
N THR B 203 2.47 26.50 11.84
CA THR B 203 2.51 27.63 12.75
C THR B 203 1.87 27.30 14.11
N ARG B 204 0.71 26.65 14.07
CA ARG B 204 -0.02 26.27 15.28
C ARG B 204 0.76 25.24 16.09
N LEU B 205 1.31 24.24 15.40
CA LEU B 205 2.14 23.23 16.05
C LEU B 205 3.32 23.90 16.77
N THR B 206 3.95 24.87 16.11
CA THR B 206 5.07 25.60 16.66
C THR B 206 4.72 26.33 17.97
N GLN B 207 3.57 27.01 17.97
CA GLN B 207 3.11 27.72 19.18
C GLN B 207 2.95 26.77 20.37
N THR B 208 2.36 25.60 20.12
CA THR B 208 2.11 24.63 21.19
C THR B 208 3.44 24.12 21.75
N LEU B 209 4.38 23.86 20.85
CA LEU B 209 5.71 23.39 21.27
C LEU B 209 6.44 24.42 22.14
N LEU B 210 6.41 25.68 21.69
CA LEU B 210 7.13 26.73 22.41
C LEU B 210 6.47 27.11 23.73
N ALA B 211 5.16 26.91 23.83
CA ALA B 211 4.43 27.23 25.07
C ALA B 211 4.68 26.20 26.18
N ALA B 212 5.27 25.06 25.83
CA ALA B 212 5.54 23.98 26.79
C ALA B 212 6.58 24.34 27.84
N GLU B 213 6.40 23.82 29.05
CA GLU B 213 7.37 23.97 30.13
C GLU B 213 8.47 22.91 30.07
N ARG B 214 8.10 21.71 29.60
CA ARG B 214 9.01 20.56 29.59
C ARG B 214 8.93 19.86 28.23
N PRO B 215 9.32 20.56 27.15
CA PRO B 215 9.19 20.00 25.80
C PRO B 215 10.25 18.94 25.46
N LEU B 216 9.88 18.01 24.58
CA LEU B 216 10.85 17.11 23.95
C LEU B 216 10.55 16.97 22.48
N ILE B 217 11.60 16.86 21.68
CA ILE B 217 11.46 16.44 20.28
C ILE B 217 11.92 14.98 20.22
N TYR B 218 11.03 14.12 19.73
CA TYR B 218 11.21 12.66 19.74
C TYR B 218 11.09 12.16 18.30
N TYR B 219 12.22 11.92 17.64
CA TYR B 219 12.20 11.59 16.20
C TYR B 219 12.61 10.16 15.92
N GLY B 220 12.14 9.62 14.79
CA GLY B 220 12.61 8.33 14.30
C GLY B 220 13.28 8.51 12.96
N ILE B 221 13.45 7.40 12.24
CA ILE B 221 14.20 7.42 10.98
C ILE B 221 13.48 8.17 9.84
N GLY B 222 12.21 8.50 10.04
CA GLY B 222 11.53 9.37 9.09
C GLY B 222 12.18 10.75 9.01
N ALA B 223 12.95 11.09 10.05
CA ALA B 223 13.71 12.34 10.12
C ALA B 223 15.18 12.17 9.69
N ARG B 224 15.49 11.10 8.96
CA ARG B 224 16.86 10.82 8.51
C ARG B 224 17.51 11.96 7.76
N LYS B 225 16.73 12.73 7.00
CA LYS B 225 17.31 13.86 6.26
C LYS B 225 17.37 15.17 7.05
N ALA B 226 16.97 15.12 8.32
CA ALA B 226 16.74 16.33 9.10
C ALA B 226 17.68 16.54 10.30
N GLY B 227 18.84 15.87 10.30
CA GLY B 227 19.81 15.98 11.39
C GLY B 227 20.20 17.41 11.75
N LYS B 228 20.51 18.20 10.72
CA LYS B 228 20.88 19.60 10.89
C LYS B 228 19.78 20.40 11.58
N GLU B 229 18.56 20.26 11.06
CA GLU B 229 17.42 21.00 11.59
C GLU B 229 17.08 20.57 13.02
N LEU B 230 17.11 19.26 13.28
CA LEU B 230 16.90 18.75 14.64
C LEU B 230 17.86 19.38 15.64
N GLU B 231 19.16 19.34 15.35
CA GLU B 231 20.15 19.87 16.27
C GLU B 231 20.00 21.39 16.43
N GLN B 232 19.75 22.09 15.33
CA GLN B 232 19.58 23.56 15.39
C GLN B 232 18.34 23.96 16.19
N LEU B 233 17.22 23.27 15.97
CA LEU B 233 15.99 23.53 16.75
C LEU B 233 16.22 23.30 18.24
N SER B 234 16.90 22.19 18.55
CA SER B 234 17.25 21.85 19.93
C SER B 234 18.08 22.95 20.59
N LYS B 235 19.17 23.36 19.92
CA LYS B 235 20.06 24.38 20.47
C LYS B 235 19.37 25.74 20.60
N THR B 236 18.63 26.14 19.57
CA THR B 236 18.01 27.46 19.54
C THR B 236 16.89 27.57 20.60
N LEU B 237 16.05 26.54 20.65
CA LEU B 237 14.88 26.58 21.51
C LEU B 237 15.12 26.01 22.92
N LYS B 238 16.27 25.38 23.13
CA LYS B 238 16.61 24.75 24.41
C LYS B 238 15.65 23.58 24.68
N ILE B 239 15.47 22.74 23.66
CA ILE B 239 14.61 21.58 23.79
C ILE B 239 15.45 20.33 23.60
N PRO B 240 15.49 19.44 24.61
CA PRO B 240 16.27 18.20 24.47
C PRO B 240 15.72 17.29 23.36
N LEU B 241 16.62 16.49 22.80
CA LEU B 241 16.29 15.54 21.73
C LEU B 241 16.28 14.12 22.25
N MET B 242 15.32 13.34 21.76
CA MET B 242 15.37 11.89 21.97
C MET B 242 14.94 11.21 20.68
N SER B 243 15.34 9.95 20.51
CA SER B 243 15.05 9.25 19.27
C SER B 243 14.61 7.81 19.50
N THR B 244 14.10 7.20 18.44
CA THR B 244 14.01 5.74 18.41
C THR B 244 15.43 5.18 18.33
N TYR B 245 15.62 3.93 18.75
CA TYR B 245 16.94 3.33 18.64
C TYR B 245 17.50 3.39 17.20
N PRO B 246 16.71 2.97 16.19
CA PRO B 246 17.30 3.03 14.84
C PRO B 246 17.70 4.44 14.36
N ALA B 247 17.10 5.47 14.97
CA ALA B 247 17.44 6.86 14.65
C ALA B 247 18.70 7.39 15.35
N LYS B 248 19.34 6.56 16.16
CA LYS B 248 20.67 6.89 16.68
C LYS B 248 21.60 7.24 15.50
N GLY B 249 22.38 8.31 15.68
CA GLY B 249 23.35 8.73 14.67
C GLY B 249 22.87 9.83 13.73
N ILE B 250 21.56 10.02 13.62
CA ILE B 250 21.03 11.11 12.77
C ILE B 250 21.51 12.46 13.29
N VAL B 251 21.48 12.61 14.61
CA VAL B 251 22.19 13.68 15.32
C VAL B 251 23.38 12.99 15.99
N ALA B 252 24.56 13.60 15.95
CA ALA B 252 25.75 13.00 16.56
C ALA B 252 25.52 12.67 18.03
N ASP B 253 25.96 11.48 18.45
CA ASP B 253 25.84 11.05 19.85
C ASP B 253 26.51 12.02 20.83
N ARG B 254 27.54 12.71 20.36
CA ARG B 254 28.26 13.65 21.24
C ARG B 254 27.44 14.91 21.55
N TYR B 255 26.38 15.17 20.79
CA TYR B 255 25.51 16.34 21.07
C TYR B 255 25.03 16.30 22.54
N PRO B 256 25.39 17.33 23.34
CA PRO B 256 25.11 17.31 24.79
C PRO B 256 23.64 17.19 25.23
N ALA B 257 22.71 17.52 24.34
CA ALA B 257 21.29 17.41 24.69
C ALA B 257 20.58 16.28 23.97
N TYR B 258 21.36 15.33 23.45
CA TYR B 258 20.80 14.09 22.94
C TYR B 258 20.63 13.10 24.10
N LEU B 259 19.39 12.76 24.41
CA LEU B 259 19.07 11.94 25.58
C LEU B 259 19.19 10.44 25.33
N GLY B 260 19.15 10.05 24.06
CA GLY B 260 19.09 8.64 23.70
C GLY B 260 17.68 8.19 23.35
N SER B 261 17.48 6.88 23.46
CA SER B 261 16.20 6.25 23.13
C SER B 261 15.49 5.73 24.38
N ALA B 262 14.21 5.42 24.22
CA ALA B 262 13.36 5.02 25.35
C ALA B 262 13.06 3.52 25.36
N ASN B 263 12.51 3.06 26.49
CA ASN B 263 12.15 1.65 26.75
C ASN B 263 13.36 0.83 27.21
N ARG B 264 13.75 -0.19 26.43
CA ARG B 264 14.78 -1.14 26.89
C ARG B 264 16.10 -1.01 26.12
N VAL B 265 16.03 -0.96 24.79
CA VAL B 265 17.21 -0.56 24.01
C VAL B 265 17.17 0.96 24.09
N ALA B 266 17.74 1.45 25.19
CA ALA B 266 17.37 2.74 25.72
C ALA B 266 18.46 3.30 26.59
N GLN B 267 18.36 4.60 26.86
CA GLN B 267 19.31 5.28 27.74
C GLN B 267 18.53 5.96 28.86
N LYS B 268 19.10 5.93 30.07
CA LYS B 268 18.41 6.47 31.25
C LYS B 268 17.82 7.88 31.05
N PRO B 269 18.60 8.84 30.52
CA PRO B 269 18.03 10.18 30.40
C PRO B 269 16.75 10.29 29.57
N ALA B 270 16.64 9.49 28.49
CA ALA B 270 15.44 9.51 27.66
C ALA B 270 14.20 9.01 28.40
N ASN B 271 14.34 7.86 29.06
CA ASN B 271 13.22 7.34 29.85
C ASN B 271 12.76 8.32 30.94
N GLU B 272 13.70 8.93 31.65
CA GLU B 272 13.37 9.82 32.76
C GLU B 272 12.70 11.10 32.24
N ALA B 273 13.28 11.70 31.20
CA ALA B 273 12.74 12.93 30.65
C ALA B 273 11.35 12.73 30.04
N LEU B 274 11.17 11.64 29.28
CA LEU B 274 9.87 11.35 28.67
C LEU B 274 8.75 11.29 29.70
N ALA B 275 9.02 10.69 30.85
CA ALA B 275 8.02 10.57 31.92
C ALA B 275 7.56 11.93 32.47
N GLN B 276 8.43 12.94 32.35
CA GLN B 276 8.20 14.29 32.87
C GLN B 276 7.63 15.26 31.84
N ALA B 277 7.84 14.96 30.55
CA ALA B 277 7.52 15.94 29.49
C ALA B 277 6.03 16.31 29.42
N ASP B 278 5.75 17.59 29.17
CA ASP B 278 4.36 18.01 28.98
C ASP B 278 3.95 18.07 27.51
N VAL B 279 4.92 18.32 26.62
CA VAL B 279 4.65 18.35 25.19
C VAL B 279 5.72 17.58 24.44
N VAL B 280 5.29 16.67 23.57
CA VAL B 280 6.20 15.89 22.73
C VAL B 280 5.88 16.17 21.27
N LEU B 281 6.91 16.53 20.51
CA LEU B 281 6.82 16.60 19.05
C LEU B 281 7.38 15.28 18.50
N PHE B 282 6.48 14.46 17.98
CA PHE B 282 6.72 13.08 17.54
C PHE B 282 6.94 13.16 16.04
N VAL B 283 8.17 12.98 15.56
CA VAL B 283 8.49 13.29 14.14
C VAL B 283 9.09 12.09 13.40
N GLY B 284 8.44 11.69 12.31
CA GLY B 284 8.95 10.56 11.50
C GLY B 284 9.19 9.35 12.36
N ASN B 285 8.21 9.03 13.20
CA ASN B 285 8.40 8.12 14.31
C ASN B 285 7.24 7.13 14.37
N ASN B 286 7.55 5.84 14.42
CA ASN B 286 6.50 4.82 14.62
C ASN B 286 6.83 3.86 15.76
N TYR B 287 7.46 4.41 16.80
CA TYR B 287 7.77 3.71 18.06
C TYR B 287 6.73 2.68 18.46
N PRO B 288 7.09 1.38 18.39
CA PRO B 288 6.08 0.32 18.62
C PRO B 288 5.69 0.09 20.09
N PHE B 289 6.40 0.74 21.01
CA PHE B 289 6.16 0.55 22.44
C PHE B 289 5.25 1.63 23.02
N ALA B 290 4.77 2.55 22.18
CA ALA B 290 4.01 3.71 22.64
C ALA B 290 2.84 3.30 23.54
N GLU B 291 1.97 2.46 23.02
CA GLU B 291 0.78 2.07 23.76
C GLU B 291 1.07 1.08 24.88
N VAL B 292 1.82 0.01 24.58
CA VAL B 292 2.05 -1.05 25.57
C VAL B 292 2.86 -0.61 26.80
N SER B 293 3.71 0.40 26.64
CA SER B 293 4.51 0.92 27.75
C SER B 293 3.90 2.17 28.37
N LYS B 294 2.74 2.60 27.84
CA LYS B 294 2.08 3.85 28.29
C LYS B 294 3.06 5.02 28.29
N ALA B 295 3.88 5.10 27.24
CA ALA B 295 4.96 6.08 27.15
C ALA B 295 4.48 7.52 27.33
N PHE B 296 3.28 7.82 26.83
CA PHE B 296 2.80 9.19 26.79
C PHE B 296 1.64 9.44 27.75
N LYS B 297 1.55 8.60 28.78
CA LYS B 297 0.44 8.66 29.73
C LYS B 297 0.29 10.02 30.41
N ASN B 298 1.42 10.70 30.63
CA ASN B 298 1.46 11.99 31.34
C ASN B 298 1.58 13.20 30.41
N THR B 299 1.69 12.94 29.12
CA THR B 299 1.88 14.01 28.14
C THR B 299 0.60 14.84 27.98
N ARG B 300 0.74 16.17 28.04
CA ARG B 300 -0.43 17.03 27.91
C ARG B 300 -0.82 17.25 26.45
N TYR B 301 0.16 17.61 25.62
CA TYR B 301 -0.07 17.80 24.19
C TYR B 301 0.90 16.96 23.40
N PHE B 302 0.36 16.33 22.36
CA PHE B 302 1.11 15.42 21.52
C PHE B 302 1.01 15.96 20.11
N LEU B 303 2.17 16.28 19.52
CA LEU B 303 2.25 16.88 18.20
C LEU B 303 2.96 15.92 17.28
N GLN B 304 2.54 15.85 16.02
CA GLN B 304 3.13 14.86 15.11
C GLN B 304 3.44 15.44 13.73
N ILE B 305 4.55 14.97 13.15
CA ILE B 305 4.85 15.21 11.73
C ILE B 305 5.17 13.85 11.12
N ASP B 306 4.45 13.48 10.06
CA ASP B 306 4.72 12.21 9.38
C ASP B 306 4.29 12.32 7.93
N ILE B 307 4.96 11.57 7.07
CA ILE B 307 4.67 11.58 5.63
C ILE B 307 3.53 10.63 5.22
N ASP B 308 3.14 9.74 6.13
CA ASP B 308 2.17 8.67 5.84
C ASP B 308 0.84 8.88 6.58
N PRO B 309 -0.28 9.10 5.82
CA PRO B 309 -1.59 9.25 6.44
C PRO B 309 -1.98 8.11 7.39
N ALA B 310 -1.50 6.89 7.11
CA ALA B 310 -1.77 5.73 7.98
C ALA B 310 -1.22 5.87 9.40
N LYS B 311 -0.29 6.82 9.59
CA LYS B 311 0.37 7.00 10.89
C LYS B 311 -0.21 8.14 11.71
N LEU B 312 -1.10 8.93 11.08
CA LEU B 312 -1.58 10.17 11.72
C LEU B 312 -2.50 9.89 12.89
N GLY B 313 -2.00 10.21 14.08
CA GLY B 313 -2.71 9.91 15.34
C GLY B 313 -2.72 8.43 15.73
N LYS B 314 -1.77 7.67 15.18
CA LYS B 314 -1.75 6.22 15.40
C LYS B 314 -1.36 5.81 16.82
N ARG B 315 -0.29 6.43 17.32
CA ARG B 315 0.36 5.95 18.56
C ARG B 315 -0.14 6.62 19.83
N HIS B 316 -0.80 7.76 19.68
CA HIS B 316 -1.37 8.49 20.82
C HIS B 316 -2.38 9.48 20.29
N LYS B 317 -3.36 9.86 21.12
CA LYS B 317 -4.29 10.91 20.72
C LYS B 317 -3.46 12.15 20.42
N THR B 318 -3.68 12.70 19.23
CA THR B 318 -2.80 13.71 18.70
C THR B 318 -3.52 15.04 18.55
N ASP B 319 -2.95 16.07 19.14
CA ASP B 319 -3.52 17.42 19.10
C ASP B 319 -3.40 18.10 17.75
N ILE B 320 -2.22 18.03 17.16
CA ILE B 320 -1.98 18.50 15.80
C ILE B 320 -1.09 17.50 15.10
N ALA B 321 -1.56 17.00 13.97
CA ALA B 321 -0.78 16.06 13.17
C ALA B 321 -0.59 16.65 11.79
N VAL B 322 0.66 16.96 11.43
CA VAL B 322 0.95 17.56 10.13
C VAL B 322 1.38 16.46 9.16
N LEU B 323 0.68 16.35 8.04
CA LEU B 323 1.08 15.41 7.00
C LEU B 323 2.05 16.13 6.07
N ALA B 324 3.32 15.77 6.17
CA ALA B 324 4.41 16.48 5.49
C ALA B 324 5.73 15.75 5.65
N ASP B 325 6.73 16.16 4.85
CA ASP B 325 8.11 15.70 4.98
C ASP B 325 8.74 16.25 6.26
N ALA B 326 9.45 15.40 6.98
CA ALA B 326 10.10 15.82 8.23
C ALA B 326 11.09 16.97 8.06
N GLN B 327 12.04 16.84 7.13
CA GLN B 327 13.08 17.86 6.97
C GLN B 327 12.45 19.20 6.59
N LYS B 328 11.55 19.15 5.62
CA LYS B 328 10.93 20.40 5.15
C LYS B 328 10.13 21.08 6.26
N THR B 329 9.45 20.28 7.08
CA THR B 329 8.64 20.85 8.15
C THR B 329 9.52 21.41 9.25
N LEU B 330 10.53 20.65 9.67
CA LEU B 330 11.45 21.14 10.69
C LEU B 330 12.19 22.41 10.25
N ALA B 331 12.55 22.50 8.96
CA ALA B 331 13.16 23.71 8.43
C ALA B 331 12.17 24.88 8.49
N ALA B 332 10.90 24.61 8.20
CA ALA B 332 9.85 25.62 8.27
C ALA B 332 9.61 26.11 9.69
N ILE B 333 9.71 25.21 10.67
CA ILE B 333 9.64 25.63 12.08
C ILE B 333 10.85 26.49 12.44
N LEU B 334 12.05 26.04 12.08
CA LEU B 334 13.27 26.77 12.39
C LEU B 334 13.22 28.19 11.80
N ALA B 335 12.62 28.33 10.62
CA ALA B 335 12.51 29.61 9.94
C ALA B 335 11.56 30.61 10.62
N GLN B 336 10.71 30.13 11.53
CA GLN B 336 9.78 31.01 12.24
C GLN B 336 10.00 31.12 13.75
N VAL B 337 11.14 30.63 14.23
CA VAL B 337 11.52 30.77 15.63
C VAL B 337 12.87 31.45 15.79
N SER B 338 13.17 31.86 17.02
CA SER B 338 14.46 32.45 17.34
C SER B 338 14.86 32.06 18.75
N GLU B 339 16.08 32.45 19.11
CA GLU B 339 16.74 32.07 20.36
C GLU B 339 15.88 32.20 21.59
N ARG B 340 15.91 31.16 22.42
CA ARG B 340 15.34 31.22 23.77
C ARG B 340 16.49 31.02 24.73
N GLU B 341 16.48 31.76 25.83
CA GLU B 341 17.48 31.56 26.87
C GLU B 341 17.35 30.19 27.53
N SER B 342 18.48 29.67 27.99
CA SER B 342 18.51 28.45 28.81
C SER B 342 17.41 28.44 29.87
N THR B 343 16.75 27.29 30.02
CA THR B 343 15.69 27.09 31.02
C THR B 343 16.15 26.04 32.04
N PRO B 344 15.52 26.02 33.24
CA PRO B 344 15.75 24.94 34.21
C PRO B 344 15.61 23.54 33.60
N TRP B 345 14.59 23.34 32.76
CA TRP B 345 14.36 22.05 32.11
C TRP B 345 15.56 21.63 31.25
N TRP B 346 16.06 22.57 30.45
CA TRP B 346 17.24 22.36 29.63
C TRP B 346 18.46 22.03 30.49
N GLN B 347 18.70 22.84 31.52
CA GLN B 347 19.86 22.65 32.39
C GLN B 347 19.83 21.31 33.11
N ALA B 348 18.66 20.93 33.59
CA ALA B 348 18.48 19.66 34.31
C ALA B 348 18.78 18.49 33.38
N ASN B 349 18.30 18.56 32.15
CA ASN B 349 18.56 17.48 31.18
C ASN B 349 20.03 17.41 30.77
N LEU B 350 20.65 18.57 30.54
CA LEU B 350 22.09 18.61 30.25
C LEU B 350 22.89 17.91 31.34
N ALA B 351 22.58 18.25 32.60
CA ALA B 351 23.29 17.67 33.75
C ALA B 351 23.08 16.17 33.83
N ASN B 352 21.84 15.74 33.58
CA ASN B 352 21.50 14.33 33.62
C ASN B 352 22.27 13.53 32.57
N VAL B 353 22.34 14.07 31.35
CA VAL B 353 23.12 13.46 30.28
C VAL B 353 24.61 13.32 30.66
N LYS B 354 25.17 14.38 31.23
CA LYS B 354 26.59 14.37 31.63
C LYS B 354 26.86 13.24 32.63
N ASN B 355 25.98 13.13 33.62
CA ASN B 355 26.09 12.10 34.66
C ASN B 355 26.01 10.71 34.05
N TRP B 356 25.11 10.54 33.09
CA TRP B 356 24.92 9.24 32.42
C TRP B 356 26.13 8.87 31.58
N ARG B 357 26.66 9.84 30.84
CA ARG B 357 27.85 9.59 30.03
C ARG B 357 29.07 9.26 30.86
N ALA B 358 29.19 9.86 32.04
CA ALA B 358 30.28 9.54 32.96
C ALA B 358 30.17 8.08 33.41
N TYR B 359 28.95 7.63 33.67
CA TYR B 359 28.68 6.22 34.01
C TYR B 359 29.14 5.29 32.90
N LEU B 360 28.69 5.57 31.68
CA LEU B 360 29.10 4.73 30.55
C LEU B 360 30.62 4.72 30.35
N ALA B 361 31.24 5.89 30.50
CA ALA B 361 32.69 6.02 30.39
C ALA B 361 33.42 5.20 31.46
N SER B 362 32.90 5.21 32.69
CA SER B 362 33.49 4.42 33.78
C SER B 362 33.53 2.92 33.45
N LEU B 363 32.48 2.43 32.77
CA LEU B 363 32.46 1.02 32.35
C LEU B 363 33.48 0.77 31.23
N GLU B 364 33.52 1.67 30.24
CA GLU B 364 34.44 1.57 29.10
C GLU B 364 35.92 1.63 29.48
N ASP B 365 36.24 2.43 30.49
CA ASP B 365 37.61 2.83 30.79
C ASP B 365 38.38 1.89 31.71
N LYS B 366 37.74 0.81 32.17
CA LYS B 366 38.45 -0.25 32.87
C LYS B 366 39.61 -0.72 31.99
N GLN B 367 40.75 -1.04 32.59
CA GLN B 367 41.98 -1.32 31.82
C GLN B 367 42.47 -2.76 31.97
N GLU B 368 41.93 -3.45 32.97
CA GLU B 368 42.37 -4.80 33.29
C GLU B 368 41.24 -5.59 33.94
N GLY B 369 41.27 -6.90 33.76
CA GLY B 369 40.30 -7.78 34.42
C GLY B 369 39.39 -8.54 33.49
N PRO B 370 38.32 -9.14 34.05
CA PRO B 370 37.40 -9.94 33.26
C PRO B 370 36.68 -9.07 32.25
N LEU B 371 36.64 -9.53 31.01
CA LEU B 371 36.09 -8.78 29.89
C LEU B 371 34.58 -8.67 29.98
N GLN B 372 34.09 -7.44 29.82
CA GLN B 372 32.66 -7.17 29.73
C GLN B 372 32.36 -6.61 28.35
N ALA B 373 31.09 -6.65 27.96
CA ALA B 373 30.68 -6.07 26.66
C ALA B 373 31.12 -4.61 26.52
N TYR B 374 31.11 -3.88 27.63
CA TYR B 374 31.41 -2.45 27.64
C TYR B 374 32.79 -2.13 27.08
N GLN B 375 33.80 -2.88 27.50
CA GLN B 375 35.16 -2.59 27.02
C GLN B 375 35.35 -3.03 25.56
N VAL B 376 34.69 -4.12 25.17
CA VAL B 376 34.72 -4.55 23.77
C VAL B 376 34.24 -3.41 22.85
N LEU B 377 33.16 -2.75 23.25
CA LEU B 377 32.61 -1.68 22.40
C LEU B 377 33.48 -0.44 22.41
N ARG B 378 34.16 -0.18 23.53
CA ARG B 378 35.17 0.88 23.57
C ARG B 378 36.30 0.57 22.57
N ALA B 379 36.70 -0.71 22.50
CA ALA B 379 37.75 -1.13 21.58
C ALA B 379 37.33 -0.97 20.11
N VAL B 380 36.05 -1.24 19.82
CA VAL B 380 35.46 -0.98 18.49
C VAL B 380 35.58 0.51 18.18
N ASN B 381 35.16 1.34 19.13
CA ASN B 381 35.20 2.78 18.97
C ASN B 381 36.60 3.27 18.61
N LYS B 382 37.60 2.70 19.27
CA LYS B 382 38.99 3.15 19.08
C LYS B 382 39.57 2.81 17.70
N ILE B 383 39.06 1.77 17.05
CA ILE B 383 39.54 1.44 15.69
C ILE B 383 38.58 1.85 14.58
N ALA B 384 37.45 2.43 14.95
CA ALA B 384 36.42 2.79 13.97
C ALA B 384 36.75 4.06 13.18
N GLU B 385 36.64 3.94 11.86
CA GLU B 385 36.72 5.10 10.95
C GLU B 385 35.46 5.95 11.07
N PRO B 386 35.55 7.25 10.78
CA PRO B 386 34.40 8.13 10.97
C PRO B 386 33.17 7.81 10.13
N ASP B 387 33.34 7.08 9.03
CA ASP B 387 32.20 6.72 8.17
C ASP B 387 31.91 5.23 8.19
N ALA B 388 32.32 4.55 9.24
CA ALA B 388 32.12 3.11 9.35
C ALA B 388 30.62 2.76 9.34
N ILE B 389 30.32 1.57 8.83
CA ILE B 389 28.96 1.03 8.80
C ILE B 389 28.93 -0.14 9.78
N TYR B 390 27.85 -0.22 10.56
CA TYR B 390 27.67 -1.29 11.55
C TYR B 390 26.45 -2.13 11.23
N SER B 391 26.66 -3.41 10.97
CA SER B 391 25.57 -4.38 10.89
C SER B 391 25.49 -5.01 12.27
N ILE B 392 24.35 -4.86 12.91
CA ILE B 392 24.19 -5.26 14.31
C ILE B 392 23.15 -6.39 14.37
N ASP B 393 23.47 -7.45 15.11
CA ASP B 393 22.53 -8.58 15.27
C ASP B 393 21.48 -8.21 16.33
N VAL B 394 20.88 -9.22 16.97
CA VAL B 394 19.69 -9.01 17.82
C VAL B 394 19.92 -9.64 19.18
N GLY B 395 19.80 -8.81 20.22
CA GLY B 395 20.00 -9.24 21.62
C GLY B 395 20.59 -8.13 22.44
N ASP B 396 21.38 -8.48 23.46
CA ASP B 396 22.04 -7.47 24.30
C ASP B 396 22.85 -6.48 23.45
N ILE B 397 23.38 -6.95 22.32
CA ILE B 397 24.17 -6.08 21.45
C ILE B 397 23.40 -4.83 21.01
N ASN B 398 22.10 -4.93 20.80
CA ASN B 398 21.34 -3.72 20.45
C ASN B 398 21.42 -2.68 21.56
N LEU B 399 21.19 -3.12 22.79
CA LEU B 399 21.30 -2.27 23.98
C LEU B 399 22.71 -1.69 24.15
N ASN B 400 23.73 -2.55 24.12
CA ASN B 400 25.11 -2.12 24.36
C ASN B 400 25.66 -1.22 23.24
N ALA B 401 25.40 -1.59 21.98
CA ALA B 401 25.77 -0.74 20.83
C ALA B 401 25.07 0.61 20.90
N ASN B 402 23.79 0.62 21.27
CA ASN B 402 23.03 1.86 21.39
C ASN B 402 23.67 2.80 22.41
N ARG B 403 24.15 2.23 23.51
CA ARG B 403 24.76 3.04 24.56
C ARG B 403 26.18 3.48 24.24
N HIS B 404 26.97 2.58 23.67
CA HIS B 404 28.42 2.79 23.58
C HIS B 404 28.94 3.30 22.25
N LEU B 405 28.31 2.95 21.14
CA LEU B 405 28.84 3.42 19.85
C LEU B 405 28.73 4.94 19.76
N LYS B 406 29.79 5.56 19.26
CA LYS B 406 29.85 7.00 19.11
C LYS B 406 29.64 7.38 17.65
N LEU B 407 28.37 7.51 17.28
CA LEU B 407 27.98 7.68 15.89
C LEU B 407 27.75 9.14 15.52
N THR B 408 27.88 9.41 14.22
CA THR B 408 27.64 10.73 13.65
C THR B 408 26.85 10.50 12.37
N PRO B 409 26.31 11.59 11.77
CA PRO B 409 25.68 11.50 10.46
C PRO B 409 26.48 10.76 9.37
N SER B 410 27.80 10.66 9.53
CA SER B 410 28.66 9.96 8.56
C SER B 410 28.59 8.43 8.65
N ASN B 411 28.09 7.92 9.76
CA ASN B 411 27.92 6.48 9.93
C ASN B 411 26.61 5.95 9.40
N ARG B 412 26.54 4.64 9.22
CA ARG B 412 25.27 3.93 9.11
C ARG B 412 25.25 2.78 10.08
N HIS B 413 24.07 2.49 10.62
CA HIS B 413 23.89 1.24 11.36
C HIS B 413 22.55 0.63 11.01
N ILE B 414 22.52 -0.69 10.92
CA ILE B 414 21.29 -1.41 10.57
C ILE B 414 21.16 -2.65 11.45
N THR B 415 19.92 -3.00 11.76
CA THR B 415 19.58 -4.28 12.36
C THR B 415 18.21 -4.69 11.82
N SER B 416 17.67 -5.79 12.32
CA SER B 416 16.30 -6.16 12.04
C SER B 416 15.46 -5.39 13.06
N ASN B 417 14.97 -4.20 12.67
CA ASN B 417 14.38 -3.27 13.64
C ASN B 417 13.15 -3.78 14.37
N LEU B 418 12.25 -4.45 13.63
CA LEU B 418 10.89 -4.72 14.12
C LEU B 418 10.54 -6.21 14.16
N PHE B 419 10.90 -6.93 13.10
CA PHE B 419 10.80 -8.39 13.12
C PHE B 419 11.84 -8.93 14.09
N ALA B 420 12.97 -8.23 14.18
CA ALA B 420 14.04 -8.55 15.12
C ALA B 420 14.52 -9.99 14.97
N THR B 421 14.78 -10.41 13.74
CA THR B 421 15.31 -11.75 13.53
C THR B 421 16.79 -11.81 13.87
N MET B 422 17.15 -12.72 14.78
CA MET B 422 18.56 -12.99 15.02
C MET B 422 19.22 -13.49 13.74
N GLY B 423 20.54 -13.31 13.66
CA GLY B 423 21.33 -13.85 12.55
C GLY B 423 21.69 -12.80 11.50
N VAL B 424 21.11 -11.61 11.62
CA VAL B 424 21.24 -10.56 10.59
C VAL B 424 22.61 -9.91 10.53
N GLY B 425 23.43 -10.07 11.58
CA GLY B 425 24.73 -9.40 11.63
C GLY B 425 25.61 -9.75 10.44
N ILE B 426 25.80 -11.04 10.21
CA ILE B 426 26.64 -11.52 9.09
C ILE B 426 26.13 -11.05 7.70
N PRO B 427 24.87 -11.35 7.34
CA PRO B 427 24.37 -10.88 6.04
C PRO B 427 24.36 -9.34 5.86
N GLY B 428 24.06 -8.62 6.93
CA GLY B 428 24.02 -7.15 6.84
C GLY B 428 25.40 -6.61 6.49
N ALA B 429 26.42 -7.23 7.06
CA ALA B 429 27.81 -6.83 6.83
C ALA B 429 28.27 -7.20 5.42
N ILE B 430 27.82 -8.35 4.92
CA ILE B 430 28.09 -8.76 3.56
C ILE B 430 27.51 -7.72 2.59
N ALA B 431 26.25 -7.35 2.84
CA ALA B 431 25.57 -6.38 1.97
C ALA B 431 26.29 -5.04 2.02
N ALA B 432 26.65 -4.62 3.24
CA ALA B 432 27.32 -3.33 3.42
C ALA B 432 28.61 -3.29 2.63
N LYS B 433 29.41 -4.35 2.72
CA LYS B 433 30.70 -4.34 2.04
C LYS B 433 30.55 -4.41 0.52
N LEU B 434 29.52 -5.10 0.05
CA LEU B 434 29.26 -5.16 -1.40
C LEU B 434 28.88 -3.80 -1.96
N ASN B 435 28.09 -3.04 -1.19
CA ASN B 435 27.68 -1.72 -1.64
C ASN B 435 28.75 -0.66 -1.46
N TYR B 436 29.59 -0.85 -0.44
CA TYR B 436 30.55 0.17 -0.06
C TYR B 436 31.94 -0.44 0.19
N PRO B 437 32.60 -0.89 -0.89
CA PRO B 437 33.89 -1.58 -0.72
C PRO B 437 34.95 -0.75 0.01
N GLU B 438 34.83 0.58 -0.08
CA GLU B 438 35.85 1.47 0.49
C GLU B 438 35.55 1.93 1.92
N ARG B 439 34.42 1.48 2.47
CA ARG B 439 34.03 1.85 3.83
C ARG B 439 34.28 0.69 4.79
N GLN B 440 34.72 1.01 5.99
CA GLN B 440 34.91 0.02 7.04
C GLN B 440 33.55 -0.51 7.49
N VAL B 441 33.46 -1.83 7.66
CA VAL B 441 32.19 -2.49 8.00
C VAL B 441 32.39 -3.41 9.19
N PHE B 442 31.56 -3.25 10.22
CA PHE B 442 31.55 -4.15 11.37
C PHE B 442 30.31 -5.01 11.35
N ASN B 443 30.48 -6.25 11.80
CA ASN B 443 29.37 -7.10 12.21
C ASN B 443 29.50 -7.29 13.72
N LEU B 444 28.54 -6.73 14.46
CA LEU B 444 28.53 -6.87 15.92
C LEU B 444 27.41 -7.81 16.29
N ALA B 445 27.75 -8.98 16.84
CA ALA B 445 26.74 -10.02 17.04
C ALA B 445 26.93 -10.77 18.34
N GLY B 446 25.82 -11.12 18.98
CA GLY B 446 25.87 -12.08 20.09
C GLY B 446 26.20 -13.47 19.59
N ASP B 447 26.61 -14.34 20.51
CA ASP B 447 26.94 -15.72 20.14
C ASP B 447 25.72 -16.51 19.66
N GLY B 448 24.54 -16.23 20.23
CA GLY B 448 23.30 -16.86 19.76
C GLY B 448 23.00 -16.55 18.31
N GLY B 449 23.07 -15.26 17.96
CA GLY B 449 22.74 -14.82 16.61
C GLY B 449 23.82 -15.19 15.62
N ALA B 450 25.07 -15.02 16.02
CA ALA B 450 26.21 -15.40 15.16
C ALA B 450 26.14 -16.88 14.83
N SER B 451 25.76 -17.70 15.81
CA SER B 451 25.65 -19.15 15.57
C SER B 451 24.60 -19.48 14.49
N MET B 452 23.53 -18.69 14.41
CA MET B 452 22.45 -19.02 13.47
C MET B 452 22.84 -18.87 12.01
N THR B 453 23.77 -17.95 11.73
CA THR B 453 24.22 -17.71 10.34
C THR B 453 25.73 -17.87 10.16
N MET B 454 26.38 -18.58 11.09
CA MET B 454 27.85 -18.74 11.10
C MET B 454 28.43 -19.25 9.78
N GLN B 455 27.72 -20.13 9.09
CA GLN B 455 28.24 -20.74 7.85
C GLN B 455 28.57 -19.68 6.80
N ASP B 456 27.86 -18.56 6.86
CA ASP B 456 28.08 -17.50 5.88
C ASP B 456 29.26 -16.57 6.16
N LEU B 457 29.99 -16.83 7.24
CA LEU B 457 31.33 -16.30 7.34
C LEU B 457 32.15 -16.78 6.13
N ALA B 458 31.85 -17.98 5.62
CA ALA B 458 32.56 -18.48 4.42
C ALA B 458 32.33 -17.60 3.20
N THR B 459 31.17 -16.93 3.15
CA THR B 459 30.80 -16.06 2.05
C THR B 459 31.65 -14.80 2.06
N GLN B 460 31.94 -14.29 3.26
CA GLN B 460 32.85 -13.15 3.37
C GLN B 460 34.23 -13.54 2.85
N VAL B 461 34.66 -14.76 3.17
CA VAL B 461 35.96 -15.28 2.68
C VAL B 461 35.94 -15.44 1.15
N GLN B 462 34.91 -16.12 0.64
CA GLN B 462 34.79 -16.41 -0.79
C GLN B 462 34.83 -15.16 -1.66
N TYR B 463 34.21 -14.09 -1.19
CA TYR B 463 34.08 -12.87 -1.99
C TYR B 463 35.02 -11.77 -1.52
N HIS B 464 35.96 -12.15 -0.64
CA HIS B 464 36.99 -11.26 -0.11
C HIS B 464 36.41 -9.94 0.40
N LEU B 465 35.41 -10.06 1.27
CA LEU B 465 34.72 -8.93 1.88
C LEU B 465 35.33 -8.70 3.27
N PRO B 466 36.17 -7.65 3.40
CA PRO B 466 36.91 -7.44 4.66
C PRO B 466 36.08 -6.88 5.85
N VAL B 467 35.10 -7.66 6.26
CA VAL B 467 34.27 -7.33 7.42
C VAL B 467 35.04 -7.57 8.71
N ILE B 468 34.84 -6.69 9.69
CA ILE B 468 35.35 -6.94 11.04
C ILE B 468 34.20 -7.53 11.85
N ASN B 469 34.25 -8.84 12.08
CA ASN B 469 33.24 -9.54 12.87
C ASN B 469 33.64 -9.55 14.34
N VAL B 470 32.72 -9.11 15.21
CA VAL B 470 32.96 -9.14 16.65
C VAL B 470 31.80 -9.89 17.29
N VAL B 471 32.12 -11.06 17.87
CA VAL B 471 31.12 -11.93 18.48
C VAL B 471 31.24 -11.80 19.98
N PHE B 472 30.09 -11.59 20.64
CA PHE B 472 30.04 -11.37 22.08
C PHE B 472 29.61 -12.69 22.70
N THR B 473 30.60 -13.44 23.17
CA THR B 473 30.36 -14.78 23.67
C THR B 473 30.12 -14.77 25.18
N ASN B 474 28.85 -14.87 25.56
CA ASN B 474 28.49 -15.01 26.97
C ASN B 474 27.97 -16.41 27.31
N CYS B 475 27.89 -17.28 26.30
CA CYS B 475 27.32 -18.62 26.47
C CYS B 475 25.88 -18.55 26.98
N GLN B 476 25.16 -17.51 26.53
CA GLN B 476 23.78 -17.29 26.94
C GLN B 476 22.98 -16.66 25.81
N TYR B 477 21.66 -16.84 25.85
CA TYR B 477 20.74 -15.89 25.21
C TYR B 477 20.48 -14.85 26.30
N GLY B 478 21.42 -13.92 26.48
CA GLY B 478 21.38 -12.99 27.62
C GLY B 478 20.10 -12.17 27.65
N TRP B 479 19.70 -11.67 26.49
CA TRP B 479 18.50 -10.86 26.37
C TRP B 479 17.31 -11.61 26.96
N ILE B 480 17.24 -12.92 26.68
CA ILE B 480 16.14 -13.75 27.15
C ILE B 480 16.30 -14.20 28.61
N LYS B 481 17.54 -14.48 29.02
CA LYS B 481 17.81 -14.80 30.43
C LYS B 481 17.28 -13.68 31.33
N ASP B 482 17.56 -12.43 30.93
CA ASP B 482 17.13 -11.29 31.72
C ASP B 482 15.60 -11.20 31.78
N GLU B 483 14.92 -11.51 30.66
CA GLU B 483 13.47 -11.53 30.65
C GLU B 483 12.93 -12.60 31.60
N GLN B 484 13.51 -13.79 31.57
CA GLN B 484 13.10 -14.87 32.49
C GLN B 484 13.30 -14.46 33.94
N GLU B 485 14.40 -13.75 34.21
CA GLU B 485 14.66 -13.29 35.57
C GLU B 485 13.53 -12.40 36.03
N ASP B 486 13.00 -11.59 35.11
CA ASP B 486 11.95 -10.63 35.40
C ASP B 486 10.57 -11.25 35.55
N THR B 487 10.25 -12.27 34.73
CA THR B 487 8.88 -12.79 34.64
C THR B 487 8.67 -14.22 35.13
N ASN B 488 9.69 -15.07 35.02
CA ASN B 488 9.47 -16.51 35.25
C ASN B 488 9.54 -16.91 36.71
N GLN B 489 8.67 -17.83 37.10
CA GLN B 489 8.63 -18.29 38.49
C GLN B 489 9.66 -19.40 38.73
N ASN B 490 9.84 -20.26 37.74
CA ASN B 490 10.74 -21.40 37.85
C ASN B 490 12.15 -21.09 37.32
N ASP B 491 13.04 -22.07 37.40
CA ASP B 491 14.46 -21.86 37.06
C ASP B 491 14.64 -21.43 35.61
N PHE B 492 15.77 -20.76 35.34
CA PHE B 492 16.17 -20.46 33.97
C PHE B 492 16.13 -21.71 33.12
N ILE B 493 15.69 -21.54 31.87
CA ILE B 493 15.63 -22.69 30.95
C ILE B 493 15.88 -22.23 29.51
N GLY B 494 16.78 -22.95 28.83
CA GLY B 494 17.08 -22.69 27.43
C GLY B 494 17.94 -21.46 27.16
N VAL B 495 18.46 -20.82 28.21
CA VAL B 495 19.14 -19.52 28.08
C VAL B 495 20.64 -19.55 28.40
N GLU B 496 21.11 -20.65 28.98
CA GLU B 496 22.54 -20.84 29.21
C GLU B 496 22.95 -22.12 28.49
N PHE B 497 24.02 -22.03 27.72
CA PHE B 497 24.43 -23.13 26.86
C PHE B 497 25.96 -23.26 26.75
N ASN B 498 26.39 -24.30 26.02
CA ASN B 498 27.80 -24.61 25.85
C ASN B 498 28.49 -23.63 24.94
N ASP B 499 29.78 -23.45 25.21
CA ASP B 499 30.64 -22.55 24.46
C ASP B 499 30.79 -23.01 23.01
N ILE B 500 30.80 -22.04 22.10
CA ILE B 500 31.33 -22.25 20.75
C ILE B 500 32.51 -21.30 20.58
N ASP B 501 33.64 -21.82 20.14
CA ASP B 501 34.82 -20.99 19.95
C ASP B 501 34.80 -20.46 18.52
N PHE B 502 34.37 -19.21 18.36
CA PHE B 502 34.21 -18.64 17.02
C PHE B 502 35.52 -18.37 16.30
N SER B 503 36.62 -18.28 17.05
CA SER B 503 37.95 -18.18 16.42
C SER B 503 38.29 -19.48 15.68
N LYS B 504 37.80 -20.61 16.20
CA LYS B 504 37.97 -21.91 15.53
C LYS B 504 37.00 -22.07 14.37
N ILE B 505 35.76 -21.62 14.55
CA ILE B 505 34.80 -21.59 13.43
C ILE B 505 35.39 -20.78 12.27
N ALA B 506 35.92 -19.59 12.58
CA ALA B 506 36.58 -18.75 11.58
C ALA B 506 37.73 -19.48 10.87
N ASP B 507 38.59 -20.13 11.66
CA ASP B 507 39.67 -20.94 11.09
C ASP B 507 39.11 -21.97 10.09
N GLY B 508 37.99 -22.59 10.45
CA GLY B 508 37.33 -23.59 9.60
C GLY B 508 36.85 -23.07 8.25
N VAL B 509 36.47 -21.80 8.21
CA VAL B 509 36.06 -21.18 6.94
C VAL B 509 37.22 -20.38 6.30
N HIS B 510 38.39 -20.46 6.92
CA HIS B 510 39.64 -19.90 6.41
C HIS B 510 39.67 -18.37 6.54
N MET B 511 39.21 -17.92 7.71
CA MET B 511 39.24 -16.52 8.10
C MET B 511 40.14 -16.34 9.32
N GLN B 512 41.02 -15.32 9.25
CA GLN B 512 41.88 -14.96 10.37
C GLN B 512 41.02 -14.56 11.56
N ALA B 513 41.40 -15.00 12.75
CA ALA B 513 40.59 -14.74 13.93
C ALA B 513 41.40 -14.71 15.22
N PHE B 514 40.77 -14.16 16.27
CA PHE B 514 41.35 -14.04 17.60
C PHE B 514 40.27 -14.36 18.62
N ARG B 515 40.66 -14.87 19.77
CA ARG B 515 39.73 -15.01 20.90
C ARG B 515 40.35 -14.29 22.10
N VAL B 516 39.55 -13.46 22.76
CA VAL B 516 40.01 -12.71 23.94
C VAL B 516 39.07 -12.89 25.12
N ASN B 517 39.59 -12.86 26.34
CA ASN B 517 38.73 -12.94 27.52
C ASN B 517 39.12 -11.99 28.66
N LYS B 518 40.13 -11.15 28.40
CA LYS B 518 40.61 -10.16 29.38
C LYS B 518 40.69 -8.76 28.75
N ILE B 519 40.33 -7.75 29.53
CA ILE B 519 40.31 -6.36 29.05
C ILE B 519 41.66 -5.93 28.47
N GLU B 520 42.75 -6.35 29.12
CA GLU B 520 44.09 -5.93 28.73
C GLU B 520 44.55 -6.48 27.37
N GLN B 521 43.85 -7.50 26.86
CA GLN B 521 44.14 -8.07 25.56
C GLN B 521 43.56 -7.25 24.40
N LEU B 522 42.57 -6.41 24.69
CA LEU B 522 41.83 -5.72 23.62
C LEU B 522 42.65 -4.85 22.65
N PRO B 523 43.49 -3.94 23.18
CA PRO B 523 44.15 -2.99 22.24
C PRO B 523 44.94 -3.64 21.11
N ASP B 524 45.75 -4.66 21.43
CA ASP B 524 46.63 -5.30 20.43
C ASP B 524 45.82 -6.12 19.42
N VAL B 525 44.78 -6.79 19.90
CA VAL B 525 43.92 -7.60 19.04
C VAL B 525 43.12 -6.75 18.07
N PHE B 526 42.52 -5.68 18.58
CA PHE B 526 41.76 -4.78 17.71
C PHE B 526 42.63 -4.04 16.71
N GLU B 527 43.86 -3.70 17.11
CA GLU B 527 44.82 -3.11 16.16
C GLU B 527 45.18 -4.06 15.02
N GLN B 528 45.40 -5.33 15.37
CA GLN B 528 45.68 -6.36 14.36
C GLN B 528 44.50 -6.54 13.42
N ALA B 529 43.29 -6.58 14.00
CA ALA B 529 42.07 -6.75 13.20
C ALA B 529 41.85 -5.59 12.24
N LYS B 530 42.03 -4.36 12.73
CA LYS B 530 41.91 -3.15 11.91
C LYS B 530 42.78 -3.27 10.66
N ALA B 531 44.01 -3.77 10.86
CA ALA B 531 45.00 -3.90 9.78
C ALA B 531 44.69 -5.05 8.82
N ILE B 532 44.27 -6.20 9.36
CA ILE B 532 43.87 -7.33 8.53
C ILE B 532 42.71 -6.93 7.60
N ALA B 533 41.76 -6.17 8.16
CA ALA B 533 40.56 -5.78 7.42
C ALA B 533 40.78 -4.68 6.38
N GLN B 534 42.05 -4.31 6.14
CA GLN B 534 42.38 -3.53 4.96
C GLN B 534 42.23 -4.38 3.69
N HIS B 535 42.27 -5.71 3.84
CA HIS B 535 42.26 -6.63 2.69
C HIS B 535 41.41 -7.89 2.82
N GLU B 536 41.22 -8.38 4.03
CA GLU B 536 40.50 -9.64 4.23
C GLU B 536 39.60 -9.58 5.47
N PRO B 537 38.54 -10.43 5.52
CA PRO B 537 37.71 -10.45 6.72
C PRO B 537 38.49 -10.95 7.95
N VAL B 538 37.98 -10.61 9.13
CA VAL B 538 38.63 -11.00 10.39
C VAL B 538 37.53 -11.18 11.43
N LEU B 539 37.78 -12.01 12.44
CA LEU B 539 36.82 -12.21 13.50
C LEU B 539 37.49 -12.15 14.86
N ILE B 540 36.86 -11.41 15.77
CA ILE B 540 37.28 -11.40 17.17
C ILE B 540 36.16 -12.03 17.99
N ASP B 541 36.49 -13.11 18.70
CA ASP B 541 35.54 -13.75 19.60
C ASP B 541 35.82 -13.25 21.00
N ALA B 542 34.94 -12.40 21.51
CA ALA B 542 35.13 -11.77 22.81
C ALA B 542 34.37 -12.52 23.87
N VAL B 543 35.09 -13.25 24.72
CA VAL B 543 34.45 -13.99 25.81
C VAL B 543 34.13 -13.03 26.95
N ILE B 544 32.84 -12.77 27.14
CA ILE B 544 32.39 -11.74 28.11
C ILE B 544 31.65 -12.31 29.32
N THR B 545 31.56 -11.51 30.39
CA THR B 545 30.87 -11.92 31.61
C THR B 545 29.37 -11.99 31.38
N GLY B 546 28.68 -12.62 32.33
CA GLY B 546 27.23 -12.66 32.31
C GLY B 546 26.59 -11.54 33.13
N ASP B 547 27.27 -10.39 33.24
CA ASP B 547 26.70 -9.24 33.96
C ASP B 547 25.51 -8.70 33.19
N ARG B 548 24.39 -8.46 33.89
CA ARG B 548 23.23 -7.85 33.26
C ARG B 548 23.47 -6.34 33.07
N PRO B 549 23.31 -5.83 31.82
CA PRO B 549 23.44 -4.37 31.64
C PRO B 549 22.32 -3.62 32.33
N LEU B 550 22.62 -2.41 32.79
CA LEU B 550 21.63 -1.61 33.52
C LEU B 550 20.28 -1.55 32.78
N PRO B 551 19.18 -1.96 33.45
CA PRO B 551 17.87 -1.86 32.80
C PRO B 551 17.27 -0.46 32.92
N ALA B 552 17.37 0.31 31.83
CA ALA B 552 16.86 1.70 31.85
C ALA B 552 15.36 1.78 32.12
N GLU B 553 14.65 0.68 31.86
CA GLU B 553 13.20 0.59 32.07
C GLU B 553 12.85 0.15 33.50
N LYS B 554 13.87 -0.17 34.30
CA LYS B 554 13.66 -0.60 35.69
C LYS B 554 14.59 0.16 36.63
N LEU B 555 14.66 1.47 36.47
CA LEU B 555 15.53 2.30 37.31
C LEU B 555 15.10 2.29 38.76
N ARG B 556 16.06 2.15 39.67
CA ARG B 556 15.80 2.31 41.10
C ARG B 556 16.84 3.27 41.66
N LEU B 557 16.59 4.57 41.51
CA LEU B 557 17.56 5.61 41.92
C LEU B 557 16.94 6.78 42.68
N ASP B 558 15.61 6.90 42.62
CA ASP B 558 14.91 8.05 43.17
C ASP B 558 14.26 7.69 44.50
N SER B 559 14.68 8.37 45.57
CA SER B 559 14.22 8.14 46.93
C SER B 559 12.72 8.37 47.13
N ALA B 560 12.15 9.22 46.28
CA ALA B 560 10.71 9.47 46.34
C ALA B 560 9.90 8.31 45.74
N MET B 561 10.53 7.50 44.90
CA MET B 561 9.82 6.43 44.18
C MET B 561 10.25 5.01 44.56
N SER B 562 11.43 4.85 45.14
CA SER B 562 11.97 3.53 45.48
C SER B 562 12.48 3.50 46.91
N SER B 563 12.39 2.33 47.55
CA SER B 563 12.95 2.16 48.89
C SER B 563 14.48 2.28 48.84
N ALA B 564 15.06 2.70 49.97
CA ALA B 564 16.52 2.79 50.11
C ALA B 564 17.17 1.44 49.84
N ALA B 565 16.55 0.35 50.29
CA ALA B 565 17.04 -0.99 50.02
C ALA B 565 17.09 -1.32 48.52
N ASP B 566 16.03 -0.99 47.80
CA ASP B 566 15.98 -1.24 46.36
C ASP B 566 17.06 -0.45 45.62
N ILE B 567 17.26 0.79 46.05
CA ILE B 567 18.24 1.67 45.42
C ILE B 567 19.66 1.16 45.63
N GLU B 568 19.99 0.77 46.87
CA GLU B 568 21.33 0.24 47.14
C GLU B 568 21.61 -1.04 46.36
N ALA B 569 20.59 -1.88 46.22
CA ALA B 569 20.74 -3.13 45.46
C ALA B 569 20.98 -2.84 43.97
N PHE B 570 20.21 -1.91 43.44
CA PHE B 570 20.35 -1.50 42.04
C PHE B 570 21.73 -0.92 41.79
N LYS B 571 22.14 0.02 42.65
CA LYS B 571 23.46 0.63 42.52
C LYS B 571 24.59 -0.40 42.56
N GLN B 572 24.49 -1.37 43.47
CA GLN B 572 25.48 -2.42 43.56
C GLN B 572 25.55 -3.26 42.29
N ARG B 573 24.40 -3.79 41.85
CA ARG B 573 24.41 -4.71 40.71
C ARG B 573 24.95 -4.07 39.43
N TYR B 574 24.57 -2.82 39.21
CA TYR B 574 24.84 -2.18 37.93
C TYR B 574 26.00 -1.19 37.97
N GLU B 575 26.81 -1.29 39.04
CA GLU B 575 28.00 -0.45 39.19
C GLU B 575 27.59 1.03 39.05
N ALA B 576 26.42 1.36 39.62
CA ALA B 576 25.73 2.64 39.38
C ALA B 576 25.74 3.59 40.59
N GLN B 577 26.74 3.43 41.45
CA GLN B 577 26.88 4.20 42.68
C GLN B 577 26.85 5.71 42.44
N ASP B 578 27.39 6.14 41.30
CA ASP B 578 27.52 7.57 41.00
C ASP B 578 26.40 8.12 40.12
N LEU B 579 25.46 7.27 39.72
CA LEU B 579 24.31 7.76 38.95
C LEU B 579 23.32 8.46 39.86
N GLN B 580 22.84 9.61 39.41
CA GLN B 580 21.81 10.35 40.12
C GLN B 580 20.52 10.28 39.35
N PRO B 581 19.37 10.26 40.05
CA PRO B 581 18.10 10.32 39.32
C PRO B 581 17.89 11.71 38.73
N LEU B 582 17.08 11.79 37.68
CA LEU B 582 16.76 13.09 37.07
C LEU B 582 16.19 14.09 38.09
N SER B 583 15.39 13.60 39.04
CA SER B 583 14.80 14.47 40.07
C SER B 583 15.84 15.31 40.80
N THR B 584 17.04 14.76 40.97
CA THR B 584 18.13 15.49 41.61
C THR B 584 18.48 16.77 40.83
N TYR B 585 18.59 16.63 39.51
CA TYR B 585 18.90 17.76 38.65
C TYR B 585 17.73 18.71 38.50
N LEU B 586 16.51 18.17 38.47
CA LEU B 586 15.31 19.01 38.41
C LEU B 586 15.25 19.92 39.63
N LYS B 587 15.47 19.33 40.80
CA LYS B 587 15.48 20.10 42.06
C LYS B 587 16.60 21.13 42.07
N GLN B 588 17.78 20.75 41.59
CA GLN B 588 18.92 21.67 41.52
C GLN B 588 18.60 22.96 40.77
N PHE B 589 17.84 22.84 39.68
CA PHE B 589 17.50 24.00 38.85
C PHE B 589 16.10 24.56 39.14
N GLY B 590 15.50 24.09 40.23
CA GLY B 590 14.27 24.67 40.77
C GLY B 590 12.96 24.12 40.24
N LEU B 591 12.98 22.91 39.69
CA LEU B 591 11.78 22.24 39.19
C LEU B 591 11.37 21.08 40.08
N ASP B 592 10.06 20.87 40.21
CA ASP B 592 9.58 19.69 40.92
C ASP B 592 9.48 18.48 39.99
N ASP B 593 9.51 17.29 40.57
CA ASP B 593 9.38 16.07 39.80
C ASP B 593 7.93 15.60 39.80
MG MG C . -29.93 -10.23 -19.96
NA NA D . -30.10 -13.43 -4.38
O2B TDK E . -27.90 -7.16 -20.89
PB TDK E . -27.25 -8.50 -20.66
O3B TDK E . -28.18 -9.65 -21.01
O1B TDK E . -25.87 -8.62 -21.27
O3A TDK E . -27.08 -8.48 -19.05
PA TDK E . -27.43 -9.63 -17.97
O1A TDK E . -28.66 -10.38 -18.37
O2A TDK E . -27.40 -9.00 -16.60
O7 TDK E . -26.20 -10.67 -18.10
C7 TDK E . -24.87 -10.33 -17.66
C6 TDK E . -23.95 -11.36 -18.29
C5 TDK E . -22.52 -11.50 -17.74
S1 TDK E . -21.36 -10.27 -18.10
C4 TDK E . -21.91 -12.49 -16.98
CM4 TDK E . -22.69 -13.70 -16.51
N3 TDK E . -20.57 -12.29 -16.72
C2 TDK E . -20.09 -11.11 -17.26
CMA TDK E . -18.63 -10.66 -17.23
OM1 TDK E . -18.01 -10.92 -15.97
CMB TDK E . -18.49 -9.17 -17.56
PC TDK E . -17.66 -11.62 -18.49
OM3 TDK E . -18.06 -11.21 -19.90
OM2 TDK E . -16.11 -11.17 -18.40
CMC TDK E . -15.18 -11.63 -19.39
OM4 TDK E . -17.72 -13.11 -18.23
C7' TDK E . -19.78 -13.20 -15.88
C5' TDK E . -20.23 -13.01 -14.41
C6' TDK E . -20.77 -14.10 -13.69
N1' TDK E . -21.18 -13.96 -12.40
C2' TDK E . -21.08 -12.77 -11.76
CM2 TDK E . -21.54 -12.66 -10.34
N3' TDK E . -20.57 -11.70 -12.40
C4' TDK E . -20.15 -11.80 -13.71
N4' TDK E . -19.65 -10.67 -14.26
PA FAD F . -8.65 3.16 -12.61
O1A FAD F . -9.25 3.35 -11.24
O2A FAD F . -8.27 1.76 -13.05
O5B FAD F . -7.34 4.05 -12.73
C5B FAD F . -7.27 5.39 -12.23
C4B FAD F . -5.83 5.85 -12.43
O4B FAD F . -5.74 7.24 -12.07
C3B FAD F . -4.87 5.11 -11.50
O3B FAD F . -3.71 4.70 -12.27
C2B FAD F . -4.53 6.13 -10.43
O2B FAD F . -3.22 5.96 -9.88
C1B FAD F . -4.62 7.43 -11.20
N9A FAD F . -4.93 8.61 -10.36
C8A FAD F . -5.76 8.67 -9.32
N7A FAD F . -5.79 9.95 -8.86
C5A FAD F . -4.99 10.69 -9.66
C6A FAD F . -4.62 12.05 -9.68
N6A FAD F . -5.11 12.93 -8.78
N1A FAD F . -3.77 12.45 -10.64
C2A FAD F . -3.27 11.59 -11.55
N3A FAD F . -3.60 10.29 -11.54
C4A FAD F . -4.46 9.82 -10.60
N1 FAD F . -13.37 0.11 -19.81
C2 FAD F . -13.02 0.53 -21.06
O2 FAD F . -12.44 1.64 -21.18
N3 FAD F . -13.31 -0.23 -22.15
C4 FAD F . -13.92 -1.44 -22.03
O4 FAD F . -14.15 -2.12 -23.05
C4X FAD F . -14.29 -1.88 -20.75
N5 FAD F . -14.92 -3.08 -20.55
C5X FAD F . -15.67 -3.22 -19.42
C6 FAD F . -16.73 -4.14 -19.37
C7 FAD F . -17.50 -4.27 -18.21
C7M FAD F . -18.63 -5.28 -18.18
C8 FAD F . -17.23 -3.47 -17.10
C8M FAD F . -18.06 -3.58 -15.83
C9 FAD F . -16.18 -2.55 -17.15
C9A FAD F . -15.39 -2.40 -18.31
N10 FAD F . -14.37 -1.51 -18.41
C10 FAD F . -13.99 -1.09 -19.64
C1' FAD F . -13.99 -0.69 -17.26
C2' FAD F . -12.53 -1.26 -17.05
O2' FAD F . -12.49 -2.64 -16.54
C3' FAD F . -11.58 -0.39 -16.20
O3' FAD F . -12.09 -0.27 -14.88
C4' FAD F . -11.34 1.01 -16.78
O4' FAD F . -11.00 0.98 -18.18
C5' FAD F . -10.24 1.71 -16.00
O5' FAD F . -10.58 3.09 -15.91
P FAD F . -9.62 4.14 -15.20
O1P FAD F . -8.19 4.00 -15.66
O2P FAD F . -10.34 5.45 -15.38
O3P FAD F . -9.74 3.81 -13.62
NA NA G . 22.69 -22.08 9.89
MG MG H . 24.63 -14.59 23.91
O2B TDK I . 24.14 -10.89 23.79
PB TDK I . 22.99 -11.86 23.88
O3B TDK I . 23.37 -13.11 24.65
O1B TDK I . 21.70 -11.23 24.35
O3A TDK I . 22.69 -12.25 22.33
PA TDK I . 22.51 -13.71 21.66
O1A TDK I . 23.47 -14.66 22.33
O2A TDK I . 22.54 -13.54 20.17
O7 TDK I . 21.00 -14.11 22.09
C7 TDK I . 19.89 -13.52 21.41
C6 TDK I . 18.66 -13.76 22.27
C5 TDK I . 17.29 -13.50 21.70
S1 TDK I . 16.75 -11.84 21.59
C4 TDK I . 16.27 -14.34 21.27
CM4 TDK I . 16.49 -15.85 21.23
N3 TDK I . 15.10 -13.71 20.88
C2 TDK I . 15.18 -12.35 21.00
CMA TDK I . 14.00 -11.38 20.75
OM1 TDK I . 13.24 -11.72 19.58
CMB TDK I . 14.51 -9.95 20.61
PC TDK I . 12.79 -11.44 22.17
OM3 TDK I . 13.37 -10.77 23.41
OM2 TDK I . 11.54 -10.49 21.78
CMC TDK I . 10.56 -10.20 22.78
OM4 TDK I . 12.21 -12.83 22.40
C7' TDK I . 13.95 -14.45 20.33
C5' TDK I . 14.34 -14.90 18.88
C6' TDK I . 14.39 -16.27 18.58
N1' TDK I . 14.73 -16.69 17.34
C2' TDK I . 15.04 -15.83 16.36
CM2 TDK I . 15.41 -16.37 15.00
N3' TDK I . 15.01 -14.50 16.59
C4' TDK I . 14.68 -14.02 17.83
N4' TDK I . 14.67 -12.66 17.99
PA FAD J . 9.93 3.18 11.60
O1A FAD J . 10.50 2.70 10.28
O2A FAD J . 9.08 2.27 12.43
O5B FAD J . 9.08 4.52 11.38
C5B FAD J . 9.49 5.54 10.48
C4B FAD J . 8.39 6.58 10.53
O4B FAD J . 8.83 7.73 9.79
C3B FAD J . 7.10 6.09 9.89
O3B FAD J . 5.97 6.51 10.68
C2B FAD J . 7.14 6.75 8.52
O2B FAD J . 5.84 6.93 7.94
C1B FAD J . 7.84 8.07 8.83
N9A FAD J . 8.56 8.68 7.69
C8A FAD J . 9.29 8.07 6.74
N7A FAD J . 9.80 9.02 5.91
C5A FAD J . 9.38 10.23 6.38
C6A FAD J . 9.56 11.55 5.96
N6A FAD J . 10.30 11.83 4.87
N1A FAD J . 8.97 12.55 6.67
C2A FAD J . 8.23 12.28 7.76
N3A FAD J . 8.03 11.02 8.18
C4A FAD J . 8.60 10.00 7.50
N1 FAD J . 13.58 0.86 19.70
C2 FAD J . 13.52 1.73 20.74
O2 FAD J . 13.46 2.97 20.47
N3 FAD J . 13.53 1.28 22.02
C4 FAD J . 13.60 -0.05 22.31
O4 FAD J . 13.59 -0.45 23.52
C4X FAD J . 13.67 -0.96 21.24
N5 FAD J . 13.75 -2.31 21.46
C5X FAD J . 14.30 -3.08 20.47
C6 FAD J . 14.87 -4.33 20.77
C7 FAD J . 15.46 -5.10 19.77
C7M FAD J . 16.07 -6.44 20.14
C8 FAD J . 15.47 -4.63 18.45
C8M FAD J . 16.09 -5.43 17.31
C9 FAD J . 14.91 -3.39 18.16
C9A FAD J . 14.30 -2.59 19.15
N10 FAD J . 13.75 -1.36 18.90
C10 FAD J . 13.65 -0.49 19.92
C1' FAD J . 13.66 -0.84 17.54
C2' FAD J . 12.09 -0.83 17.46
O2' FAD J . 11.49 -2.15 17.40
C3' FAD J . 11.48 0.01 16.33
O3' FAD J . 11.95 -0.52 15.09
C4' FAD J . 11.84 1.50 16.42
O4' FAD J . 11.60 2.02 17.74
C5' FAD J . 11.02 2.30 15.42
O5' FAD J . 11.87 3.31 14.89
P FAD J . 11.33 4.42 13.86
O1P FAD J . 10.02 4.98 14.32
O2P FAD J . 12.54 5.30 13.69
O3P FAD J . 11.24 3.60 12.46
#